data_7C2K
#
_entry.id   7C2K
#
_cell.length_a   1.00
_cell.length_b   1.00
_cell.length_c   1.00
_cell.angle_alpha   90.00
_cell.angle_beta   90.00
_cell.angle_gamma   90.00
#
_symmetry.space_group_name_H-M   'P 1'
#
loop_
_entity.id
_entity.type
_entity.pdbx_description
1 polymer 'RNA-directed RNA polymerase'
2 polymer 'Non-structural protein 8'
3 polymer 'Non-structural protein 7'
4 polymer 'RNA (29-MER)'
5 polymer "RNA (5'-R(*UP*GP*UP*UP*CP*GP*AP*CP*GP*AP*CP*AP*CP*AP*GP*G*(F86)P*G)-3')"
6 non-polymer 'ZINC ION'
#
loop_
_entity_poly.entity_id
_entity_poly.type
_entity_poly.pdbx_seq_one_letter_code
_entity_poly.pdbx_strand_id
1 'polypeptide(L)'
;MGSADAQSFLNRVCGVSAARLTPCGTGTSTDVVYRAFDIYNDKVAGFAKFLKTNCCRFQEKDEDDNLIDSYFVVKRHTFS
NYQHEETIYNLLKDCPAVAKHDFFKFRIDGDMVPHISRQRLTKYTMADLVYALRHFDEGNCDTLKEILVTYNCCDDDYFN
KKDWYDFVENPDILRVYANLGERVRQALLKTVQFCDAMRNAGIVGVLTLDNQDLNGNWYDFGDFIQTTPGSGVPVVDSYY
SLLMPILTLTRALTAESHVDTDLTKPYIKWDLLKYDFTEERLKLFDRYFKYWDQTYHPNCVNCLDDRCILHCANFNVLFS
TVFPPTSFGPLVRKIFVDGVPFVVSTGYHFRELGVVHNQDVNLHSSRLSFKELLVYAADPAMHAASGNLLLDKRTTCFSV
AALTNNVAFQTVKPGNFNKDFYDFAVSKGFFKEGSSVELKHFFFAQDGNAAISDYDYYRYNLPTMCDIRQLLFVVEVVDK
YFDCYDGGCINANQVIVNNLDKSAGFPFNKWGKARLYYDSMSYEDQDALFAYTKRNVIPTITQMNLKYAISAKNRARTVA
GVSICSTMTNRQFHQKLLKSIAATRGATVVIGTSKFYGGWHNMLKTVYSDVENPHLMGWDYPKCDRAMPNMLRIMASLVL
ARKHTTCCSLSHRFYRLANECAQVLSEMVMCGGSLYVKPGGTSSGDATTAYANSVFNICQAVTANVNALLSTDGNKIADK
YVRNLQHRLYECLYRNRDVDTDFVNEFYAYLRKHFSMMILSDDAVVCFNSTYASQGLVASIKNFKSVLYYQNNVFMSEAK
CWTETDLTKGPHEFCSQHTMLVKQGDDYVYLPYPDPSRILGAGCFVDDIVKTDGTLMIERFVSLAIDAYPLTKHPNQEYA
DVFHLYLQYIRKLHDELTGHMLDMYSVMLTNDNTSRYWEPEFYEAMYTPHTVLQHHHHHHHHHH
;
A
2 'polypeptide(L)'
;GPAIASEFSSLPSYAAFATAQEAYEQAVANGDSEVVLKKLKKSLNVAKSEFDRDAAMQRKLEKMADQAMTQMYKQARSED
KRAKVTSAMQTMLFTMLRKLDNDALNNIINNARDGCVPLNIIPLTTAAKLMVVIPDYNTYKNTCDGTTFTYASALWEIQQ
VVDADSKIVQLSEISMDNSPNLAWPLIVTALRANSAVKLQ
;
B,D
3 'polypeptide(L)'
;GPSKMSDVKCTSVVLLSVLQQLRVESSSKLWAQCVQLHNDILLAKDTTEAFEKMVSLLSVLLSMQGAVDINKLCEEMLDN
RATLQ
;
C
4 'polyribonucleotide' GGGAGAUGUCUCCUCCUGUGUCGUCGAAA F
5 'polyribonucleotide' UGUUCGACGACACAGG(F86)G G
#
# COMPACT_ATOMS: atom_id res chain seq x y z
N SER A 3 4.94 -55.52 -26.89
CA SER A 3 3.76 -56.35 -26.62
C SER A 3 2.73 -56.19 -27.72
N ALA A 4 2.21 -57.32 -28.22
CA ALA A 4 1.18 -57.27 -29.24
C ALA A 4 -0.08 -56.62 -28.72
N ASP A 5 -0.46 -56.90 -27.48
CA ASP A 5 -1.64 -56.27 -26.90
C ASP A 5 -1.50 -54.75 -26.87
N ALA A 6 -0.37 -54.26 -26.35
CA ALA A 6 -0.16 -52.82 -26.26
C ALA A 6 -0.07 -52.18 -27.64
N GLN A 7 0.58 -52.86 -28.60
CA GLN A 7 0.70 -52.30 -29.94
C GLN A 7 -0.65 -52.21 -30.63
N SER A 8 -1.49 -53.24 -30.47
CA SER A 8 -2.83 -53.20 -31.06
C SER A 8 -3.70 -52.15 -30.37
N PHE A 9 -3.56 -52.00 -29.06
CA PHE A 9 -4.29 -50.95 -28.36
C PHE A 9 -3.88 -49.58 -28.85
N LEU A 10 -2.58 -49.38 -29.11
CA LEU A 10 -2.11 -48.10 -29.63
C LEU A 10 -2.66 -47.85 -31.03
N ASN A 11 -2.60 -48.86 -31.90
CA ASN A 11 -3.14 -48.74 -33.25
C ASN A 11 -4.63 -48.43 -33.22
N ARG A 12 -5.37 -48.97 -32.26
CA ARG A 12 -6.78 -48.66 -32.16
C ARG A 12 -7.04 -47.29 -31.56
N VAL A 13 -6.16 -46.83 -30.66
CA VAL A 13 -6.34 -45.50 -30.11
C VAL A 13 -6.08 -44.42 -31.14
N CYS A 14 -5.08 -44.60 -32.00
CA CYS A 14 -4.93 -43.67 -33.12
C CYS A 14 -6.08 -43.84 -34.10
N GLY A 15 -6.21 -45.03 -34.67
CA GLY A 15 -7.43 -45.44 -35.34
C GLY A 15 -7.64 -44.92 -36.75
N VAL A 16 -8.06 -43.66 -36.87
CA VAL A 16 -8.35 -43.05 -38.16
C VAL A 16 -7.58 -41.76 -38.36
N SER A 17 -7.68 -40.83 -37.41
CA SER A 17 -6.92 -39.60 -37.46
C SER A 17 -5.43 -39.92 -37.42
N ALA A 18 -4.72 -39.66 -38.51
CA ALA A 18 -3.31 -40.03 -38.60
C ALA A 18 -2.48 -39.22 -37.61
N ALA A 19 -2.06 -39.89 -36.54
CA ALA A 19 -1.21 -39.28 -35.53
C ALA A 19 -0.15 -40.28 -35.09
N ARG A 20 1.02 -39.76 -34.75
CA ARG A 20 2.11 -40.59 -34.24
C ARG A 20 2.08 -40.52 -32.72
N LEU A 21 1.69 -41.63 -32.09
CA LEU A 21 1.46 -41.68 -30.66
C LEU A 21 2.58 -42.45 -29.97
N THR A 22 2.93 -42.00 -28.77
CA THR A 22 3.86 -42.72 -27.92
C THR A 22 3.18 -43.06 -26.59
N PRO A 23 3.35 -44.28 -26.09
CA PRO A 23 2.57 -44.73 -24.94
C PRO A 23 3.02 -44.11 -23.64
N CYS A 24 2.53 -42.89 -23.36
CA CYS A 24 2.77 -42.26 -22.06
C CYS A 24 2.16 -43.12 -20.97
N GLY A 25 3.00 -43.79 -20.17
CA GLY A 25 2.51 -44.77 -19.24
C GLY A 25 2.71 -46.18 -19.75
N THR A 26 1.62 -46.94 -19.85
CA THR A 26 1.65 -48.30 -20.40
C THR A 26 0.28 -48.59 -21.00
N GLY A 27 0.04 -49.86 -21.32
CA GLY A 27 -1.25 -50.32 -21.81
C GLY A 27 -2.36 -50.33 -20.78
N THR A 28 -2.08 -49.90 -19.56
CA THR A 28 -3.06 -49.77 -18.50
C THR A 28 -3.15 -48.30 -18.06
N SER A 29 -3.93 -48.06 -17.00
CA SER A 29 -4.17 -46.70 -16.56
C SER A 29 -2.88 -46.03 -16.12
N THR A 30 -2.82 -44.71 -16.27
CA THR A 30 -1.62 -43.95 -15.97
C THR A 30 -1.59 -43.47 -14.52
N ASP A 31 -2.76 -43.18 -13.93
CA ASP A 31 -2.86 -42.66 -12.57
C ASP A 31 -2.09 -41.34 -12.44
N VAL A 32 -2.60 -40.34 -13.16
CA VAL A 32 -2.03 -38.99 -13.19
C VAL A 32 -1.82 -38.48 -11.78
N VAL A 33 -0.72 -37.74 -11.59
CA VAL A 33 -0.31 -37.31 -10.26
C VAL A 33 -1.12 -36.07 -9.87
N TYR A 34 -2.21 -36.29 -9.12
CA TYR A 34 -2.87 -35.24 -8.37
C TYR A 34 -3.34 -34.09 -9.26
N ARG A 35 -4.31 -34.40 -10.13
CA ARG A 35 -4.99 -33.33 -10.84
C ARG A 35 -6.04 -32.70 -9.93
N ALA A 36 -6.30 -31.42 -10.16
CA ALA A 36 -7.29 -30.70 -9.37
C ALA A 36 -8.68 -30.98 -9.91
N PHE A 37 -9.62 -31.24 -9.00
CA PHE A 37 -10.99 -31.55 -9.37
C PHE A 37 -11.95 -30.65 -8.60
N ASP A 38 -13.13 -30.46 -9.17
CA ASP A 38 -14.22 -29.72 -8.54
C ASP A 38 -15.40 -30.67 -8.48
N ILE A 39 -15.47 -31.46 -7.42
CA ILE A 39 -16.46 -32.53 -7.31
C ILE A 39 -17.49 -32.15 -6.25
N TYR A 40 -18.71 -32.63 -6.48
CA TYR A 40 -19.78 -32.46 -5.51
C TYR A 40 -20.74 -33.63 -5.69
N ASN A 41 -20.66 -34.62 -4.80
CA ASN A 41 -21.55 -35.75 -4.83
C ASN A 41 -22.00 -36.01 -3.40
N ASP A 42 -22.67 -37.15 -3.17
CA ASP A 42 -23.27 -37.42 -1.88
C ASP A 42 -22.23 -37.69 -0.79
N LYS A 43 -20.96 -37.84 -1.15
CA LYS A 43 -19.92 -38.20 -0.20
C LYS A 43 -18.84 -37.15 -0.03
N VAL A 44 -18.47 -36.45 -1.11
CA VAL A 44 -17.38 -35.49 -1.08
C VAL A 44 -17.85 -34.20 -1.72
N ALA A 45 -17.20 -33.09 -1.35
CA ALA A 45 -17.45 -31.80 -1.97
C ALA A 45 -16.24 -30.92 -1.71
N GLY A 46 -15.78 -30.24 -2.75
CA GLY A 46 -14.68 -29.29 -2.60
C GLY A 46 -13.87 -29.17 -3.86
N PHE A 47 -12.98 -28.19 -3.86
CA PHE A 47 -12.04 -27.93 -4.94
C PHE A 47 -10.67 -28.43 -4.48
N ALA A 48 -10.42 -29.72 -4.67
CA ALA A 48 -9.21 -30.33 -4.13
C ALA A 48 -8.42 -31.07 -5.21
N LYS A 49 -7.39 -31.80 -4.80
CA LYS A 49 -6.53 -32.56 -5.70
C LYS A 49 -6.69 -34.04 -5.38
N PHE A 50 -7.20 -34.80 -6.35
CA PHE A 50 -7.44 -36.22 -6.16
C PHE A 50 -6.55 -37.03 -7.11
N LEU A 51 -6.68 -38.35 -7.02
CA LEU A 51 -5.86 -39.28 -7.77
C LEU A 51 -6.70 -39.89 -8.89
N LYS A 52 -6.73 -39.22 -10.03
CA LYS A 52 -7.42 -39.73 -11.20
C LYS A 52 -6.69 -40.96 -11.72
N THR A 53 -7.41 -42.08 -11.86
CA THR A 53 -6.72 -43.34 -12.15
C THR A 53 -7.45 -44.21 -13.17
N ASN A 54 -8.37 -43.66 -13.95
CA ASN A 54 -9.13 -44.46 -14.91
C ASN A 54 -8.92 -43.98 -16.35
N CYS A 55 -7.68 -43.64 -16.70
CA CYS A 55 -7.36 -43.15 -18.03
C CYS A 55 -6.03 -43.71 -18.48
N CYS A 56 -5.95 -44.08 -19.76
CA CYS A 56 -4.74 -44.61 -20.39
C CYS A 56 -4.26 -43.56 -21.38
N ARG A 57 -3.39 -42.66 -20.90
CA ARG A 57 -3.00 -41.52 -21.71
C ARG A 57 -1.93 -41.89 -22.74
N PHE A 58 -1.91 -41.12 -23.82
CA PHE A 58 -0.88 -41.22 -24.86
C PHE A 58 -0.45 -39.81 -25.23
N GLN A 59 0.70 -39.70 -25.87
CA GLN A 59 1.18 -38.40 -26.33
C GLN A 59 1.45 -38.45 -27.83
N GLU A 60 1.13 -37.35 -28.50
CA GLU A 60 1.28 -37.24 -29.94
C GLU A 60 2.56 -36.50 -30.28
N LYS A 61 3.26 -37.00 -31.29
CA LYS A 61 4.48 -36.37 -31.79
C LYS A 61 4.30 -36.06 -33.27
N ASP A 62 4.72 -34.87 -33.69
CA ASP A 62 4.67 -34.49 -35.09
C ASP A 62 5.92 -35.03 -35.79
N GLU A 63 6.19 -34.52 -37.00
CA GLU A 63 7.43 -34.83 -37.68
C GLU A 63 8.61 -34.40 -36.81
N ASP A 64 9.78 -34.96 -37.10
CA ASP A 64 11.03 -34.84 -36.35
C ASP A 64 10.98 -35.60 -35.02
N ASP A 65 9.86 -36.24 -34.70
CA ASP A 65 9.76 -37.18 -33.57
C ASP A 65 9.97 -36.50 -32.22
N ASN A 66 9.60 -35.23 -32.11
CA ASN A 66 9.59 -34.56 -30.81
C ASN A 66 8.16 -34.39 -30.31
N LEU A 67 8.00 -34.33 -28.99
CA LEU A 67 6.68 -34.44 -28.39
C LEU A 67 5.91 -33.13 -28.47
N ILE A 68 4.59 -33.25 -28.52
CA ILE A 68 3.70 -32.10 -28.58
C ILE A 68 2.89 -32.05 -27.29
N ASP A 69 2.20 -30.92 -27.07
CA ASP A 69 1.25 -30.78 -25.98
C ASP A 69 -0.16 -31.17 -26.43
N SER A 70 -0.29 -32.42 -26.86
CA SER A 70 -1.57 -32.95 -27.29
C SER A 70 -1.62 -34.43 -26.95
N TYR A 71 -2.64 -34.83 -26.20
CA TYR A 71 -2.73 -36.17 -25.65
C TYR A 71 -4.04 -36.83 -26.08
N PHE A 72 -4.02 -38.16 -26.12
CA PHE A 72 -5.21 -38.97 -26.35
C PHE A 72 -5.56 -39.67 -25.05
N VAL A 73 -6.47 -39.10 -24.29
CA VAL A 73 -6.92 -39.66 -23.02
C VAL A 73 -8.00 -40.69 -23.32
N VAL A 74 -7.85 -41.89 -22.77
CA VAL A 74 -8.74 -43.01 -23.07
C VAL A 74 -9.33 -43.49 -21.74
N LYS A 75 -10.56 -43.09 -21.45
CA LYS A 75 -11.24 -43.52 -20.24
C LYS A 75 -11.70 -44.96 -20.37
N ARG A 76 -11.85 -45.62 -19.23
CA ARG A 76 -12.19 -47.04 -19.19
C ARG A 76 -13.30 -47.31 -18.16
N HIS A 77 -14.37 -46.53 -18.24
CA HIS A 77 -15.49 -46.67 -17.31
C HIS A 77 -16.39 -47.82 -17.76
N THR A 78 -17.58 -47.91 -17.17
CA THR A 78 -18.47 -49.05 -17.38
C THR A 78 -19.18 -48.97 -18.72
N PHE A 79 -20.09 -49.91 -18.94
CA PHE A 79 -20.77 -50.03 -20.23
C PHE A 79 -22.00 -49.13 -20.31
N SER A 80 -22.75 -49.02 -19.22
CA SER A 80 -23.91 -48.12 -19.20
C SER A 80 -23.47 -46.68 -19.38
N ASN A 81 -22.40 -46.27 -18.69
CA ASN A 81 -21.86 -44.93 -18.89
C ASN A 81 -21.27 -44.77 -20.29
N TYR A 82 -20.72 -45.85 -20.85
CA TYR A 82 -20.25 -45.81 -22.23
C TYR A 82 -21.38 -45.44 -23.18
N GLN A 83 -22.51 -46.16 -23.10
CA GLN A 83 -23.62 -45.89 -23.99
C GLN A 83 -24.24 -44.52 -23.71
N HIS A 84 -24.29 -44.12 -22.44
CA HIS A 84 -24.85 -42.80 -22.11
C HIS A 84 -24.01 -41.68 -22.70
N GLU A 85 -22.69 -41.74 -22.50
CA GLU A 85 -21.81 -40.72 -23.05
C GLU A 85 -21.84 -40.73 -24.57
N GLU A 86 -21.95 -41.91 -25.18
CA GLU A 86 -22.05 -41.98 -26.63
C GLU A 86 -23.29 -41.28 -27.14
N THR A 87 -24.44 -41.54 -26.50
CA THR A 87 -25.68 -40.90 -26.92
C THR A 87 -25.63 -39.40 -26.71
N ILE A 88 -25.12 -38.95 -25.56
CA ILE A 88 -25.06 -37.52 -25.29
C ILE A 88 -24.07 -36.82 -26.22
N TYR A 89 -23.02 -37.51 -26.64
CA TYR A 89 -22.04 -36.90 -27.54
C TYR A 89 -22.59 -36.82 -28.95
N ASN A 90 -23.39 -37.81 -29.38
CA ASN A 90 -23.95 -37.75 -30.72
C ASN A 90 -24.82 -36.51 -30.96
N LEU A 91 -25.25 -35.82 -29.90
CA LEU A 91 -26.03 -34.60 -30.04
C LEU A 91 -25.15 -33.35 -30.08
N LEU A 92 -24.17 -33.25 -29.19
CA LEU A 92 -23.24 -32.12 -29.16
C LEU A 92 -22.05 -32.32 -30.08
N LYS A 93 -22.10 -33.33 -30.96
CA LYS A 93 -20.95 -33.67 -31.78
C LYS A 93 -20.59 -32.53 -32.74
N ASP A 94 -21.60 -31.78 -33.20
CA ASP A 94 -21.35 -30.74 -34.19
C ASP A 94 -20.82 -29.44 -33.60
N CYS A 95 -20.92 -29.26 -32.28
CA CYS A 95 -20.39 -28.05 -31.66
C CYS A 95 -18.87 -28.02 -31.81
N PRO A 96 -18.28 -26.86 -32.09
CA PRO A 96 -16.82 -26.79 -32.20
C PRO A 96 -16.10 -26.83 -30.87
N ALA A 97 -16.77 -26.52 -29.76
CA ALA A 97 -16.14 -26.59 -28.44
C ALA A 97 -16.35 -27.95 -27.79
N VAL A 98 -16.08 -29.02 -28.55
CA VAL A 98 -16.25 -30.39 -28.08
C VAL A 98 -15.16 -31.23 -28.71
N ALA A 99 -14.37 -31.93 -27.89
CA ALA A 99 -13.31 -32.77 -28.40
C ALA A 99 -13.88 -33.97 -29.14
N LYS A 100 -13.06 -34.55 -30.01
CA LYS A 100 -13.40 -35.81 -30.64
C LYS A 100 -13.43 -36.92 -29.60
N HIS A 101 -14.22 -37.97 -29.85
CA HIS A 101 -14.33 -38.94 -28.77
C HIS A 101 -14.06 -40.37 -29.18
N ASP A 102 -14.48 -40.80 -30.36
CA ASP A 102 -14.07 -42.09 -30.94
C ASP A 102 -14.31 -43.26 -29.97
N PHE A 103 -15.58 -43.53 -29.70
CA PHE A 103 -15.94 -44.66 -28.84
C PHE A 103 -15.66 -45.97 -29.55
N PHE A 104 -15.05 -46.91 -28.82
CA PHE A 104 -14.69 -48.21 -29.39
C PHE A 104 -14.60 -49.24 -28.28
N LYS A 105 -14.60 -50.52 -28.70
CA LYS A 105 -14.46 -51.66 -27.81
C LYS A 105 -13.21 -52.44 -28.19
N PHE A 106 -12.37 -52.74 -27.20
CA PHE A 106 -11.15 -53.49 -27.44
C PHE A 106 -10.95 -54.51 -26.32
N ARG A 107 -10.59 -55.73 -26.72
CA ARG A 107 -10.43 -56.85 -25.79
C ARG A 107 -9.16 -56.65 -24.97
N ILE A 108 -9.34 -56.22 -23.73
CA ILE A 108 -8.19 -55.96 -22.86
C ILE A 108 -7.89 -57.17 -21.98
N ASP A 109 -8.85 -57.57 -21.15
CA ASP A 109 -8.68 -58.67 -20.21
C ASP A 109 -9.35 -59.95 -20.69
N GLY A 110 -9.72 -60.02 -21.96
CA GLY A 110 -10.37 -61.19 -22.52
C GLY A 110 -11.75 -60.93 -23.10
N ASP A 111 -12.45 -59.87 -22.70
CA ASP A 111 -13.81 -59.67 -23.20
C ASP A 111 -14.10 -58.16 -23.29
N MET A 112 -13.84 -57.59 -24.47
CA MET A 112 -14.49 -56.38 -24.97
C MET A 112 -14.78 -55.33 -23.90
N VAL A 113 -13.73 -54.84 -23.28
CA VAL A 113 -13.90 -53.66 -22.41
C VAL A 113 -14.20 -52.45 -23.28
N PRO A 114 -15.18 -51.61 -22.92
CA PRO A 114 -15.47 -50.42 -23.73
C PRO A 114 -14.61 -49.22 -23.35
N HIS A 115 -14.11 -48.50 -24.35
CA HIS A 115 -13.23 -47.36 -24.12
C HIS A 115 -13.81 -46.09 -24.75
N ILE A 116 -13.43 -44.95 -24.17
CA ILE A 116 -13.83 -43.63 -24.66
C ILE A 116 -12.55 -42.82 -24.81
N SER A 117 -12.16 -42.55 -26.05
CA SER A 117 -10.84 -42.01 -26.37
C SER A 117 -10.94 -40.60 -26.93
N ARG A 118 -10.98 -39.60 -26.05
CA ARG A 118 -10.97 -38.23 -26.50
C ARG A 118 -9.58 -37.82 -26.95
N GLN A 119 -9.52 -36.95 -27.95
CA GLN A 119 -8.31 -36.77 -28.77
C GLN A 119 -7.76 -35.35 -28.68
N ARG A 120 -6.44 -35.28 -28.54
CA ARG A 120 -5.67 -34.04 -28.67
C ARG A 120 -6.10 -32.99 -27.65
N LEU A 121 -6.14 -33.37 -26.38
CA LEU A 121 -6.69 -32.41 -25.44
C LEU A 121 -5.67 -31.38 -24.98
N THR A 122 -4.80 -31.77 -24.05
CA THR A 122 -3.75 -30.98 -23.41
C THR A 122 -3.12 -31.85 -22.33
N LYS A 123 -2.07 -31.37 -21.67
CA LYS A 123 -1.64 -32.05 -20.45
C LYS A 123 -2.51 -31.66 -19.26
N TYR A 124 -2.77 -30.37 -19.10
CA TYR A 124 -3.49 -29.86 -17.94
C TYR A 124 -4.88 -29.37 -18.33
N THR A 125 -5.59 -28.86 -17.33
CA THR A 125 -7.00 -28.54 -17.44
C THR A 125 -7.22 -27.18 -16.80
N MET A 126 -8.30 -26.50 -17.21
CA MET A 126 -8.61 -25.19 -16.65
C MET A 126 -8.69 -25.25 -15.13
N ALA A 127 -9.15 -26.38 -14.59
CA ALA A 127 -9.17 -26.55 -13.13
C ALA A 127 -7.78 -26.57 -12.56
N ASP A 128 -6.82 -27.17 -13.28
CA ASP A 128 -5.44 -27.19 -12.82
C ASP A 128 -4.85 -25.80 -12.81
N LEU A 129 -5.14 -24.99 -13.83
CA LEU A 129 -4.66 -23.62 -13.85
C LEU A 129 -5.25 -22.80 -12.71
N VAL A 130 -6.57 -22.92 -12.51
CA VAL A 130 -7.22 -22.16 -11.45
C VAL A 130 -6.70 -22.58 -10.08
N TYR A 131 -6.48 -23.88 -9.88
CA TYR A 131 -5.96 -24.35 -8.60
C TYR A 131 -4.54 -23.88 -8.37
N ALA A 132 -3.68 -24.01 -9.39
CA ALA A 132 -2.30 -23.58 -9.26
C ALA A 132 -2.21 -22.11 -8.94
N LEU A 133 -3.07 -21.29 -9.55
CA LEU A 133 -3.01 -19.86 -9.30
C LEU A 133 -3.73 -19.44 -8.03
N ARG A 134 -4.63 -20.27 -7.51
CA ARG A 134 -5.33 -19.92 -6.28
C ARG A 134 -4.65 -20.48 -5.04
N HIS A 135 -4.26 -21.75 -5.05
CA HIS A 135 -3.56 -22.36 -3.93
C HIS A 135 -2.05 -22.35 -4.21
N PHE A 136 -1.51 -21.13 -4.26
CA PHE A 136 -0.14 -20.93 -4.67
C PHE A 136 0.80 -21.20 -3.51
N ASP A 137 1.64 -22.21 -3.64
CA ASP A 137 2.76 -22.45 -2.76
C ASP A 137 4.04 -22.20 -3.55
N GLU A 138 4.88 -21.29 -3.06
CA GLU A 138 6.06 -20.89 -3.80
C GLU A 138 7.14 -21.96 -3.85
N GLY A 139 7.01 -23.03 -3.06
CA GLY A 139 8.01 -24.07 -3.07
C GLY A 139 7.52 -25.36 -3.69
N ASN A 140 6.25 -25.39 -4.09
CA ASN A 140 5.65 -26.56 -4.73
C ASN A 140 4.81 -26.12 -5.91
N CYS A 141 5.31 -25.16 -6.68
CA CYS A 141 4.60 -24.64 -7.86
C CYS A 141 5.10 -25.27 -9.16
N ASP A 142 5.02 -26.60 -9.25
CA ASP A 142 5.52 -27.27 -10.46
C ASP A 142 4.55 -27.13 -11.62
N THR A 143 3.24 -27.30 -11.36
CA THR A 143 2.25 -27.24 -12.42
C THR A 143 2.17 -25.83 -13.02
N LEU A 144 2.27 -24.80 -12.18
CA LEU A 144 2.24 -23.44 -12.68
C LEU A 144 3.43 -23.17 -13.61
N LYS A 145 4.61 -23.62 -13.21
CA LYS A 145 5.80 -23.46 -14.05
C LYS A 145 5.63 -24.20 -15.37
N GLU A 146 5.12 -25.43 -15.34
CA GLU A 146 4.96 -26.19 -16.57
C GLU A 146 3.93 -25.57 -17.48
N ILE A 147 2.89 -24.96 -16.91
CA ILE A 147 1.87 -24.29 -17.71
C ILE A 147 2.45 -23.03 -18.35
N LEU A 148 3.22 -22.26 -17.58
CA LEU A 148 3.82 -21.05 -18.12
C LEU A 148 4.83 -21.37 -19.22
N VAL A 149 5.58 -22.46 -19.09
CA VAL A 149 6.57 -22.80 -20.11
C VAL A 149 5.91 -23.43 -21.32
N THR A 150 4.86 -24.22 -21.11
CA THR A 150 4.26 -24.95 -22.23
C THR A 150 3.60 -24.00 -23.22
N TYR A 151 3.06 -22.89 -22.74
CA TYR A 151 2.32 -21.94 -23.57
C TYR A 151 3.11 -20.68 -23.86
N ASN A 152 4.44 -20.76 -23.76
CA ASN A 152 5.35 -19.71 -24.23
C ASN A 152 5.07 -18.36 -23.55
N CYS A 153 4.77 -18.39 -22.27
CA CYS A 153 4.66 -17.15 -21.50
C CYS A 153 6.01 -16.71 -20.95
N CYS A 154 6.89 -17.66 -20.65
CA CYS A 154 8.23 -17.38 -20.17
C CYS A 154 9.08 -18.61 -20.43
N ASP A 155 10.25 -18.68 -19.80
CA ASP A 155 11.15 -19.81 -19.96
C ASP A 155 11.71 -20.19 -18.60
N ASP A 156 12.29 -21.39 -18.51
CA ASP A 156 12.83 -21.87 -17.24
C ASP A 156 13.86 -20.90 -16.66
N ASP A 157 14.62 -20.23 -17.52
CA ASP A 157 15.54 -19.20 -17.05
C ASP A 157 14.82 -18.12 -16.26
N TYR A 158 13.54 -17.85 -16.55
CA TYR A 158 12.79 -16.88 -15.77
C TYR A 158 12.58 -17.37 -14.34
N PHE A 159 12.39 -18.67 -14.15
CA PHE A 159 12.27 -19.22 -12.81
C PHE A 159 13.62 -19.36 -12.13
N ASN A 160 14.71 -19.39 -12.89
CA ASN A 160 16.03 -19.43 -12.28
C ASN A 160 16.27 -18.22 -11.37
N LYS A 161 15.67 -17.08 -11.69
CA LYS A 161 15.86 -15.88 -10.89
C LYS A 161 15.12 -15.99 -9.56
N LYS A 162 15.41 -15.05 -8.67
CA LYS A 162 14.82 -15.04 -7.34
C LYS A 162 13.63 -14.08 -7.30
N ASP A 163 12.66 -14.39 -6.45
CA ASP A 163 11.45 -13.62 -6.29
C ASP A 163 10.65 -13.51 -7.59
N TRP A 164 10.77 -14.51 -8.46
CA TRP A 164 10.08 -14.43 -9.75
C TRP A 164 8.56 -14.39 -9.57
N TYR A 165 8.06 -14.96 -8.48
CA TYR A 165 6.63 -15.03 -8.21
C TYR A 165 6.10 -13.79 -7.49
N ASP A 166 6.98 -13.00 -6.89
CA ASP A 166 6.55 -11.88 -6.08
C ASP A 166 5.87 -10.81 -6.94
N PHE A 167 4.88 -10.15 -6.36
CA PHE A 167 4.22 -9.05 -7.06
C PHE A 167 4.85 -7.70 -6.76
N VAL A 168 5.37 -7.51 -5.55
CA VAL A 168 6.03 -6.25 -5.21
C VAL A 168 7.44 -6.22 -5.79
N GLU A 169 8.24 -7.24 -5.48
CA GLU A 169 9.51 -7.44 -6.16
C GLU A 169 9.25 -8.21 -7.45
N ASN A 170 9.96 -7.83 -8.50
CA ASN A 170 9.71 -8.38 -9.83
C ASN A 170 8.25 -8.24 -10.23
N PRO A 171 7.79 -7.05 -10.57
CA PRO A 171 6.43 -6.89 -11.12
C PRO A 171 6.28 -7.28 -12.57
N ASP A 172 7.26 -7.95 -13.17
CA ASP A 172 7.15 -8.49 -14.51
C ASP A 172 6.36 -9.79 -14.55
N ILE A 173 6.12 -10.40 -13.38
CA ILE A 173 5.26 -11.57 -13.32
C ILE A 173 3.85 -11.22 -13.78
N LEU A 174 3.47 -9.94 -13.71
CA LEU A 174 2.17 -9.53 -14.23
C LEU A 174 2.12 -9.67 -15.74
N ARG A 175 3.18 -9.29 -16.43
CA ARG A 175 3.27 -9.52 -17.88
C ARG A 175 3.28 -11.01 -18.18
N VAL A 176 4.06 -11.77 -17.42
CA VAL A 176 4.16 -13.21 -17.65
C VAL A 176 2.79 -13.87 -17.48
N TYR A 177 2.00 -13.39 -16.52
CA TYR A 177 0.65 -13.93 -16.32
C TYR A 177 -0.30 -13.48 -17.42
N ALA A 178 -0.26 -12.20 -17.77
CA ALA A 178 -1.11 -11.66 -18.83
C ALA A 178 -0.84 -12.33 -20.16
N ASN A 179 0.29 -12.99 -20.31
CA ASN A 179 0.51 -13.81 -21.52
C ASN A 179 -0.47 -14.97 -21.65
N LEU A 180 -1.30 -15.25 -20.65
CA LEU A 180 -2.31 -16.31 -20.71
C LEU A 180 -3.72 -15.77 -20.92
N GLY A 181 -3.87 -14.45 -21.03
CA GLY A 181 -5.19 -13.86 -21.07
C GLY A 181 -5.99 -14.28 -22.30
N GLU A 182 -5.34 -14.32 -23.45
CA GLU A 182 -6.08 -14.68 -24.66
C GLU A 182 -6.49 -16.14 -24.65
N ARG A 183 -5.66 -17.01 -24.07
CA ARG A 183 -6.05 -18.41 -23.91
C ARG A 183 -7.26 -18.54 -22.99
N VAL A 184 -7.24 -17.82 -21.86
CA VAL A 184 -8.38 -17.86 -20.95
C VAL A 184 -9.63 -17.31 -21.62
N ARG A 185 -9.48 -16.27 -22.45
CA ARG A 185 -10.64 -15.67 -23.09
C ARG A 185 -11.21 -16.57 -24.18
N GLN A 186 -10.35 -17.26 -24.93
CA GLN A 186 -10.85 -18.25 -25.88
C GLN A 186 -11.53 -19.40 -25.16
N ALA A 187 -11.06 -19.75 -23.96
CA ALA A 187 -11.76 -20.76 -23.17
C ALA A 187 -13.15 -20.28 -22.77
N LEU A 188 -13.27 -19.00 -22.40
CA LEU A 188 -14.59 -18.45 -22.09
C LEU A 188 -15.52 -18.50 -23.29
N LEU A 189 -15.00 -18.15 -24.48
CA LEU A 189 -15.83 -18.20 -25.68
C LEU A 189 -16.27 -19.63 -25.98
N LYS A 190 -15.36 -20.60 -25.83
CA LYS A 190 -15.73 -22.00 -26.03
C LYS A 190 -16.79 -22.44 -25.02
N THR A 191 -16.70 -21.95 -23.78
CA THR A 191 -17.69 -22.29 -22.78
C THR A 191 -19.07 -21.75 -23.17
N VAL A 192 -19.12 -20.53 -23.69
CA VAL A 192 -20.41 -19.97 -24.11
C VAL A 192 -20.98 -20.75 -25.29
N GLN A 193 -20.13 -21.13 -26.24
CA GLN A 193 -20.60 -21.95 -27.35
C GLN A 193 -21.14 -23.29 -26.87
N PHE A 194 -20.44 -23.91 -25.91
CA PHE A 194 -20.90 -25.20 -25.40
C PHE A 194 -22.22 -25.06 -24.67
N CYS A 195 -22.39 -24.00 -23.88
CA CYS A 195 -23.66 -23.76 -23.22
C CYS A 195 -24.79 -23.59 -24.23
N ASP A 196 -24.53 -22.85 -25.31
CA ASP A 196 -25.56 -22.68 -26.34
C ASP A 196 -25.92 -24.01 -26.98
N ALA A 197 -24.91 -24.85 -27.26
CA ALA A 197 -25.20 -26.17 -27.84
C ALA A 197 -26.00 -27.03 -26.88
N MET A 198 -25.65 -27.01 -25.59
CA MET A 198 -26.41 -27.77 -24.60
C MET A 198 -27.86 -27.30 -24.54
N ARG A 199 -28.08 -25.99 -24.57
CA ARG A 199 -29.44 -25.47 -24.54
C ARG A 199 -30.22 -25.90 -25.78
N ASN A 200 -29.62 -25.76 -26.96
CA ASN A 200 -30.32 -26.12 -28.18
C ASN A 200 -30.51 -27.63 -28.34
N ALA A 201 -29.76 -28.44 -27.60
CA ALA A 201 -29.88 -29.89 -27.70
C ALA A 201 -30.75 -30.48 -26.59
N GLY A 202 -31.10 -29.71 -25.58
CA GLY A 202 -31.91 -30.23 -24.49
C GLY A 202 -31.12 -31.05 -23.51
N ILE A 203 -30.00 -30.50 -23.03
CA ILE A 203 -29.12 -31.19 -22.11
C ILE A 203 -29.08 -30.41 -20.81
N VAL A 204 -29.11 -31.13 -19.69
CA VAL A 204 -29.03 -30.54 -18.35
C VAL A 204 -27.83 -31.14 -17.64
N GLY A 205 -26.94 -30.29 -17.16
CA GLY A 205 -25.77 -30.77 -16.45
C GLY A 205 -24.95 -29.63 -15.91
N VAL A 206 -24.02 -29.98 -15.03
CA VAL A 206 -23.15 -28.99 -14.38
C VAL A 206 -21.87 -28.87 -15.18
N LEU A 207 -21.46 -27.63 -15.44
CA LEU A 207 -20.18 -27.36 -16.11
C LEU A 207 -19.13 -27.12 -15.04
N THR A 208 -18.22 -28.08 -14.90
CA THR A 208 -17.13 -27.98 -13.94
C THR A 208 -15.81 -27.71 -14.67
N LEU A 209 -14.90 -27.04 -13.97
CA LEU A 209 -13.65 -26.63 -14.60
C LEU A 209 -12.80 -27.83 -15.03
N ASP A 210 -12.88 -28.93 -14.29
CA ASP A 210 -12.01 -30.07 -14.61
C ASP A 210 -12.44 -30.81 -15.85
N ASN A 211 -13.41 -30.34 -16.64
CA ASN A 211 -13.81 -31.01 -17.87
C ASN A 211 -13.57 -30.14 -19.09
N GLN A 212 -12.56 -29.26 -19.02
CA GLN A 212 -12.25 -28.37 -20.13
C GLN A 212 -10.74 -28.24 -20.28
N ASP A 213 -10.25 -28.37 -21.51
CA ASP A 213 -8.83 -28.21 -21.79
C ASP A 213 -8.39 -26.78 -21.51
N LEU A 214 -7.09 -26.55 -21.65
CA LEU A 214 -6.58 -25.19 -21.75
C LEU A 214 -6.73 -24.64 -23.16
N ASN A 215 -7.18 -25.46 -24.12
CA ASN A 215 -7.62 -24.96 -25.41
C ASN A 215 -9.08 -24.55 -25.38
N GLY A 216 -9.87 -25.15 -24.50
CA GLY A 216 -11.27 -24.81 -24.35
C GLY A 216 -12.24 -25.95 -24.61
N ASN A 217 -11.80 -27.07 -25.17
CA ASN A 217 -12.71 -28.14 -25.53
C ASN A 217 -13.25 -28.83 -24.28
N TRP A 218 -14.42 -29.43 -24.42
CA TRP A 218 -15.17 -30.02 -23.32
C TRP A 218 -15.33 -31.52 -23.53
N TYR A 219 -15.50 -32.25 -22.43
CA TYR A 219 -15.68 -33.70 -22.47
C TYR A 219 -16.39 -34.13 -21.19
N ASP A 220 -16.39 -35.44 -20.92
CA ASP A 220 -16.99 -36.03 -19.73
C ASP A 220 -18.49 -35.71 -19.63
N PHE A 221 -19.22 -36.27 -20.58
CA PHE A 221 -20.69 -36.20 -20.58
C PHE A 221 -21.29 -37.34 -19.77
N GLY A 222 -20.85 -37.50 -18.53
CA GLY A 222 -21.30 -38.61 -17.71
C GLY A 222 -22.47 -38.25 -16.83
N ASP A 223 -22.53 -37.01 -16.38
CA ASP A 223 -23.60 -36.52 -15.51
C ASP A 223 -24.57 -35.60 -16.26
N PHE A 224 -24.84 -35.89 -17.52
CA PHE A 224 -25.75 -35.08 -18.33
C PHE A 224 -27.04 -35.83 -18.56
N ILE A 225 -28.15 -35.09 -18.58
CA ILE A 225 -29.48 -35.66 -18.73
C ILE A 225 -30.14 -35.03 -19.94
N GLN A 226 -30.94 -35.81 -20.66
CA GLN A 226 -31.64 -35.31 -21.84
C GLN A 226 -32.98 -34.69 -21.44
N THR A 227 -33.46 -33.80 -22.31
CA THR A 227 -34.74 -33.13 -22.13
C THR A 227 -35.32 -32.89 -23.52
N THR A 228 -36.32 -32.01 -23.61
CA THR A 228 -36.86 -31.65 -24.91
C THR A 228 -35.92 -30.66 -25.59
N PRO A 229 -35.64 -30.82 -26.88
CA PRO A 229 -34.70 -29.93 -27.55
C PRO A 229 -35.14 -28.48 -27.47
N GLY A 230 -34.22 -27.62 -27.01
CA GLY A 230 -34.50 -26.22 -26.83
C GLY A 230 -34.73 -25.81 -25.39
N SER A 231 -34.87 -26.77 -24.47
CA SER A 231 -35.14 -26.47 -23.07
C SER A 231 -33.99 -26.93 -22.17
N GLY A 232 -32.78 -27.04 -22.70
CA GLY A 232 -31.64 -27.38 -21.88
C GLY A 232 -31.25 -26.25 -20.95
N VAL A 233 -30.50 -26.61 -19.91
CA VAL A 233 -30.04 -25.63 -18.93
C VAL A 233 -28.72 -26.08 -18.31
N PRO A 234 -27.60 -25.45 -18.64
CA PRO A 234 -26.34 -25.74 -17.96
C PRO A 234 -26.20 -24.96 -16.67
N VAL A 235 -25.58 -25.61 -15.69
CA VAL A 235 -25.33 -25.02 -14.38
C VAL A 235 -23.88 -24.55 -14.36
N VAL A 236 -23.66 -23.25 -14.26
CA VAL A 236 -22.32 -22.69 -14.43
C VAL A 236 -21.94 -21.79 -13.26
N ASP A 237 -22.48 -22.06 -12.08
CA ASP A 237 -22.16 -21.24 -10.90
C ASP A 237 -20.72 -21.46 -10.46
N SER A 238 -20.37 -22.71 -10.16
CA SER A 238 -19.03 -23.00 -9.65
C SER A 238 -17.96 -22.70 -10.70
N TYR A 239 -18.26 -23.00 -11.97
CA TYR A 239 -17.31 -22.74 -13.05
C TYR A 239 -16.87 -21.29 -13.05
N TYR A 240 -17.82 -20.37 -13.31
CA TYR A 240 -17.48 -18.96 -13.39
C TYR A 240 -16.97 -18.43 -12.07
N SER A 241 -17.54 -18.88 -10.95
CA SER A 241 -17.14 -18.36 -9.66
C SER A 241 -15.70 -18.69 -9.33
N LEU A 242 -15.29 -19.94 -9.54
CA LEU A 242 -13.91 -20.30 -9.32
C LEU A 242 -12.98 -19.68 -10.35
N LEU A 243 -13.47 -19.44 -11.56
CA LEU A 243 -12.60 -18.90 -12.60
C LEU A 243 -12.38 -17.40 -12.47
N MET A 244 -13.28 -16.69 -11.78
CA MET A 244 -13.23 -15.24 -11.77
C MET A 244 -11.92 -14.64 -11.25
N PRO A 245 -11.31 -15.11 -10.16
CA PRO A 245 -10.10 -14.44 -9.67
C PRO A 245 -8.95 -14.42 -10.67
N ILE A 246 -8.88 -15.36 -11.61
CA ILE A 246 -7.80 -15.36 -12.58
C ILE A 246 -8.18 -14.66 -13.88
N LEU A 247 -9.37 -14.06 -13.96
CA LEU A 247 -9.73 -13.28 -15.14
C LEU A 247 -9.05 -11.92 -15.14
N THR A 248 -8.87 -11.32 -13.97
CA THR A 248 -8.16 -10.06 -13.87
C THR A 248 -6.67 -10.25 -13.61
N LEU A 249 -6.28 -11.39 -13.05
CA LEU A 249 -4.86 -11.68 -12.87
C LEU A 249 -4.16 -11.84 -14.22
N THR A 250 -4.82 -12.49 -15.17
CA THR A 250 -4.25 -12.73 -16.49
C THR A 250 -4.71 -11.71 -17.51
N ARG A 251 -5.46 -10.69 -17.12
CA ARG A 251 -5.97 -9.66 -18.02
C ARG A 251 -6.62 -10.29 -19.25
N ALA A 252 -7.66 -11.08 -19.00
CA ALA A 252 -8.26 -11.86 -20.07
C ALA A 252 -8.98 -10.99 -21.09
N LEU A 253 -9.53 -9.86 -20.66
CA LEU A 253 -10.33 -8.99 -21.53
C LEU A 253 -9.51 -7.87 -22.14
N THR A 254 -8.22 -8.09 -22.38
CA THR A 254 -7.40 -7.07 -23.02
C THR A 254 -7.68 -6.98 -24.51
N ALA A 255 -8.01 -8.10 -25.15
CA ALA A 255 -8.35 -8.08 -26.57
C ALA A 255 -9.62 -7.30 -26.85
N GLU A 256 -10.40 -6.96 -25.84
CA GLU A 256 -11.60 -6.15 -26.04
C GLU A 256 -11.28 -4.68 -26.20
N SER A 257 -10.05 -4.26 -25.94
CA SER A 257 -9.62 -2.89 -26.11
C SER A 257 -9.15 -2.59 -27.53
N HIS A 258 -9.15 -3.57 -28.41
CA HIS A 258 -8.67 -3.43 -29.78
C HIS A 258 -9.84 -3.38 -30.74
N VAL A 259 -9.53 -3.07 -32.01
CA VAL A 259 -10.57 -2.67 -32.96
C VAL A 259 -11.52 -3.83 -33.22
N ASP A 260 -11.01 -4.92 -33.79
CA ASP A 260 -11.83 -6.07 -34.15
C ASP A 260 -11.73 -7.18 -33.11
N THR A 261 -11.45 -6.82 -31.85
CA THR A 261 -11.30 -7.77 -30.76
C THR A 261 -10.20 -8.78 -31.07
N ASP A 262 -9.13 -8.32 -31.71
CA ASP A 262 -7.94 -9.13 -31.93
C ASP A 262 -6.72 -8.32 -31.53
N LEU A 263 -5.73 -9.00 -30.98
CA LEU A 263 -4.58 -8.34 -30.35
C LEU A 263 -3.59 -7.76 -31.36
N THR A 264 -3.89 -7.72 -32.66
CA THR A 264 -2.97 -7.13 -33.62
C THR A 264 -3.41 -5.77 -34.13
N LYS A 265 -4.70 -5.48 -34.10
CA LYS A 265 -5.22 -4.21 -34.57
C LYS A 265 -5.02 -3.13 -33.51
N PRO A 266 -5.05 -1.87 -33.91
CA PRO A 266 -4.81 -0.78 -32.94
C PRO A 266 -5.91 -0.73 -31.89
N TYR A 267 -5.65 0.07 -30.85
CA TYR A 267 -6.63 0.25 -29.80
C TYR A 267 -7.84 1.01 -30.34
N ILE A 268 -8.98 0.82 -29.67
CA ILE A 268 -10.18 1.55 -30.03
C ILE A 268 -10.00 3.01 -29.64
N LYS A 269 -10.26 3.92 -30.57
CA LYS A 269 -10.20 5.34 -30.29
C LYS A 269 -11.57 5.77 -29.77
N TRP A 270 -11.76 5.58 -28.47
CA TRP A 270 -13.01 5.95 -27.83
C TRP A 270 -13.21 7.46 -27.90
N ASP A 271 -14.47 7.87 -28.00
CA ASP A 271 -14.78 9.29 -27.92
C ASP A 271 -14.39 9.81 -26.54
N LEU A 272 -13.81 11.02 -26.52
CA LEU A 272 -13.27 11.54 -25.27
C LEU A 272 -14.34 12.11 -24.36
N LEU A 273 -15.49 12.51 -24.91
CA LEU A 273 -16.59 13.06 -24.14
C LEU A 273 -17.53 11.98 -23.62
N LYS A 274 -17.20 10.71 -23.81
CA LYS A 274 -18.09 9.61 -23.47
C LYS A 274 -17.80 9.11 -22.06
N TYR A 275 -18.87 8.88 -21.29
CA TYR A 275 -18.73 8.38 -19.94
C TYR A 275 -19.72 7.28 -19.57
N ASP A 276 -20.70 6.96 -20.41
CA ASP A 276 -21.77 6.07 -19.99
C ASP A 276 -21.33 4.61 -19.99
N PHE A 277 -21.01 4.07 -21.19
CA PHE A 277 -20.48 2.72 -21.33
C PHE A 277 -21.40 1.65 -20.76
N THR A 278 -22.70 1.93 -20.68
CA THR A 278 -23.62 0.94 -20.14
C THR A 278 -23.92 -0.17 -21.14
N GLU A 279 -24.22 0.19 -22.39
CA GLU A 279 -24.47 -0.82 -23.40
C GLU A 279 -23.22 -1.64 -23.68
N GLU A 280 -22.04 -1.04 -23.55
CA GLU A 280 -20.80 -1.79 -23.71
C GLU A 280 -20.67 -2.85 -22.62
N ARG A 281 -21.01 -2.50 -21.38
CA ARG A 281 -20.94 -3.47 -20.30
C ARG A 281 -21.97 -4.58 -20.49
N LEU A 282 -23.18 -4.22 -20.93
CA LEU A 282 -24.18 -5.25 -21.21
C LEU A 282 -23.72 -6.18 -22.33
N LYS A 283 -23.04 -5.64 -23.35
CA LYS A 283 -22.52 -6.47 -24.43
C LYS A 283 -21.43 -7.39 -23.94
N LEU A 284 -20.52 -6.89 -23.11
CA LEU A 284 -19.48 -7.74 -22.55
C LEU A 284 -20.07 -8.86 -21.72
N PHE A 285 -21.06 -8.54 -20.89
CA PHE A 285 -21.70 -9.57 -20.07
C PHE A 285 -22.38 -10.61 -20.94
N ASP A 286 -23.14 -10.19 -21.95
CA ASP A 286 -23.82 -11.15 -22.80
C ASP A 286 -22.86 -11.92 -23.69
N ARG A 287 -21.64 -11.43 -23.88
CA ARG A 287 -20.66 -12.16 -24.68
C ARG A 287 -19.89 -13.19 -23.86
N TYR A 288 -19.56 -12.89 -22.61
CA TYR A 288 -18.72 -13.80 -21.83
C TYR A 288 -19.45 -14.53 -20.72
N PHE A 289 -20.55 -13.97 -20.20
CA PHE A 289 -21.29 -14.62 -19.12
C PHE A 289 -22.76 -14.75 -19.50
N LYS A 290 -23.03 -15.27 -20.69
CA LYS A 290 -24.41 -15.32 -21.18
C LYS A 290 -25.32 -16.11 -20.26
N TYR A 291 -24.82 -17.20 -19.67
CA TYR A 291 -25.65 -18.13 -18.92
C TYR A 291 -25.48 -17.99 -17.41
N TRP A 292 -24.79 -16.96 -16.95
CA TRP A 292 -24.80 -16.60 -15.54
C TRP A 292 -26.18 -16.06 -15.21
N ASP A 293 -26.99 -16.88 -14.53
CA ASP A 293 -28.42 -16.60 -14.40
C ASP A 293 -28.76 -15.78 -13.17
N GLN A 294 -28.09 -14.65 -13.00
CA GLN A 294 -28.46 -13.66 -12.01
C GLN A 294 -28.43 -12.29 -12.67
N THR A 295 -29.35 -11.42 -12.27
CA THR A 295 -29.47 -10.12 -12.92
C THR A 295 -28.20 -9.29 -12.67
N TYR A 296 -27.74 -8.62 -13.72
CA TYR A 296 -26.57 -7.76 -13.65
C TYR A 296 -27.02 -6.33 -13.94
N HIS A 297 -26.74 -5.42 -13.00
CA HIS A 297 -27.04 -4.02 -13.19
C HIS A 297 -25.74 -3.27 -13.44
N PRO A 298 -25.51 -2.74 -14.64
CA PRO A 298 -24.24 -2.02 -14.88
C PRO A 298 -24.06 -0.84 -13.95
N ASN A 299 -25.09 -0.03 -13.77
CA ASN A 299 -25.09 1.03 -12.78
C ASN A 299 -25.68 0.48 -11.48
N CYS A 300 -24.85 0.41 -10.44
CA CYS A 300 -25.28 -0.18 -9.18
C CYS A 300 -26.26 0.69 -8.41
N VAL A 301 -26.70 1.81 -8.98
CA VAL A 301 -27.75 2.62 -8.36
C VAL A 301 -29.10 1.93 -8.41
N ASN A 302 -29.25 0.89 -9.24
CA ASN A 302 -30.48 0.15 -9.37
C ASN A 302 -30.46 -1.19 -8.64
N CYS A 303 -29.45 -1.44 -7.81
CA CYS A 303 -29.34 -2.73 -7.15
C CYS A 303 -30.40 -2.86 -6.05
N LEU A 304 -30.69 -4.11 -5.68
CA LEU A 304 -31.79 -4.41 -4.79
C LEU A 304 -31.38 -4.45 -3.32
N ASP A 305 -30.13 -4.79 -3.03
CA ASP A 305 -29.59 -4.72 -1.69
C ASP A 305 -28.08 -4.63 -1.79
N ASP A 306 -27.39 -4.80 -0.68
CA ASP A 306 -25.93 -4.70 -0.69
C ASP A 306 -25.25 -5.94 -1.23
N ARG A 307 -25.90 -7.10 -1.18
CA ARG A 307 -25.36 -8.28 -1.85
C ARG A 307 -25.44 -8.14 -3.36
N CYS A 308 -26.54 -7.58 -3.86
CA CYS A 308 -26.61 -7.23 -5.27
C CYS A 308 -25.55 -6.21 -5.64
N ILE A 309 -25.28 -5.27 -4.73
CA ILE A 309 -24.23 -4.28 -5.00
C ILE A 309 -22.88 -4.97 -5.12
N LEU A 310 -22.60 -5.94 -4.24
CA LEU A 310 -21.33 -6.66 -4.34
C LEU A 310 -21.22 -7.42 -5.65
N HIS A 311 -22.28 -8.14 -6.02
CA HIS A 311 -22.29 -8.93 -7.26
C HIS A 311 -22.03 -8.03 -8.47
N CYS A 312 -22.85 -6.99 -8.63
CA CYS A 312 -22.73 -6.15 -9.81
C CYS A 312 -21.46 -5.32 -9.79
N ALA A 313 -20.95 -4.96 -8.61
CA ALA A 313 -19.69 -4.23 -8.55
C ALA A 313 -18.51 -5.13 -8.90
N ASN A 314 -18.59 -6.42 -8.59
CA ASN A 314 -17.59 -7.36 -9.07
C ASN A 314 -17.56 -7.38 -10.60
N PHE A 315 -18.73 -7.54 -11.21
CA PHE A 315 -18.75 -7.54 -12.67
C PHE A 315 -18.28 -6.21 -13.25
N ASN A 316 -18.60 -5.10 -12.57
CA ASN A 316 -18.19 -3.80 -13.06
C ASN A 316 -16.68 -3.60 -12.93
N VAL A 317 -16.07 -4.11 -11.85
CA VAL A 317 -14.63 -3.97 -11.71
C VAL A 317 -13.91 -4.86 -12.72
N LEU A 318 -14.56 -5.92 -13.19
CA LEU A 318 -13.98 -6.65 -14.32
C LEU A 318 -14.08 -5.84 -15.60
N PHE A 319 -15.26 -5.30 -15.91
CA PHE A 319 -15.49 -4.68 -17.21
C PHE A 319 -14.87 -3.29 -17.33
N SER A 320 -14.57 -2.61 -16.22
CA SER A 320 -14.06 -1.26 -16.30
C SER A 320 -12.60 -1.19 -16.75
N THR A 321 -11.94 -2.33 -16.91
CA THR A 321 -10.56 -2.35 -17.39
C THR A 321 -10.48 -2.28 -18.90
N VAL A 322 -11.61 -2.14 -19.59
CA VAL A 322 -11.67 -2.16 -21.05
C VAL A 322 -11.82 -0.74 -21.55
N PHE A 323 -12.31 0.13 -20.73
CA PHE A 323 -12.70 1.48 -21.04
C PHE A 323 -11.60 2.47 -20.66
N PRO A 324 -11.53 3.61 -21.34
CA PRO A 324 -10.41 4.54 -21.13
C PRO A 324 -10.41 5.11 -19.73
N PRO A 325 -9.24 5.24 -19.10
CA PRO A 325 -9.19 5.73 -17.72
C PRO A 325 -9.51 7.20 -17.58
N THR A 326 -9.71 7.92 -18.67
CA THR A 326 -10.05 9.33 -18.63
C THR A 326 -11.55 9.56 -18.60
N SER A 327 -12.36 8.50 -18.56
CA SER A 327 -13.80 8.61 -18.52
C SER A 327 -14.39 8.40 -17.13
N PHE A 328 -13.56 8.09 -16.15
CA PHE A 328 -14.01 7.91 -14.78
C PHE A 328 -13.78 9.20 -13.99
N GLY A 329 -14.30 9.22 -12.77
CA GLY A 329 -14.20 10.39 -11.94
C GLY A 329 -15.44 11.25 -12.04
N PRO A 330 -15.40 12.44 -11.44
CA PRO A 330 -16.59 13.29 -11.40
C PRO A 330 -17.04 13.69 -12.80
N LEU A 331 -18.33 13.96 -12.93
CA LEU A 331 -18.93 14.39 -14.18
C LEU A 331 -19.45 15.82 -13.99
N VAL A 332 -18.81 16.77 -14.66
CA VAL A 332 -19.06 18.17 -14.42
C VAL A 332 -20.13 18.68 -15.38
N ARG A 333 -20.73 19.81 -15.03
CA ARG A 333 -21.79 20.41 -15.83
C ARG A 333 -21.75 21.92 -15.64
N LYS A 334 -22.22 22.64 -16.65
CA LYS A 334 -22.24 24.09 -16.63
C LYS A 334 -23.46 24.57 -15.85
N ILE A 335 -23.22 25.34 -14.79
CA ILE A 335 -24.26 25.84 -13.90
C ILE A 335 -24.19 27.35 -13.86
N PHE A 336 -25.34 28.00 -13.98
CA PHE A 336 -25.42 29.46 -14.01
C PHE A 336 -25.81 29.98 -12.62
N VAL A 337 -24.99 30.88 -12.08
CA VAL A 337 -25.25 31.50 -10.79
C VAL A 337 -25.37 33.00 -11.05
N ASP A 338 -26.61 33.49 -11.17
CA ASP A 338 -26.89 34.87 -11.52
C ASP A 338 -26.24 35.23 -12.87
N GLY A 339 -26.60 34.45 -13.89
CA GLY A 339 -26.06 34.68 -15.22
C GLY A 339 -24.58 34.45 -15.36
N VAL A 340 -23.93 33.91 -14.32
CA VAL A 340 -22.50 33.67 -14.31
C VAL A 340 -22.29 32.16 -14.34
N PRO A 341 -21.50 31.63 -15.27
CA PRO A 341 -21.41 30.17 -15.44
C PRO A 341 -20.38 29.54 -14.50
N PHE A 342 -20.81 28.52 -13.78
CA PHE A 342 -19.94 27.68 -12.97
C PHE A 342 -19.69 26.36 -13.68
N VAL A 343 -18.78 25.57 -13.10
CA VAL A 343 -18.53 24.20 -13.56
C VAL A 343 -18.42 23.31 -12.33
N VAL A 344 -19.49 22.58 -12.03
CA VAL A 344 -19.57 21.80 -10.80
C VAL A 344 -19.95 20.37 -11.12
N SER A 345 -19.52 19.46 -10.26
CA SER A 345 -19.80 18.05 -10.44
C SER A 345 -21.29 17.77 -10.21
N THR A 346 -21.92 17.13 -11.18
CA THR A 346 -23.32 16.73 -11.09
C THR A 346 -23.45 15.23 -11.26
N GLY A 347 -22.47 14.49 -10.78
CA GLY A 347 -22.49 13.05 -10.92
C GLY A 347 -21.12 12.47 -10.61
N TYR A 348 -20.95 11.21 -11.02
CA TYR A 348 -19.71 10.50 -10.82
C TYR A 348 -19.78 9.20 -11.60
N HIS A 349 -18.66 8.79 -12.18
CA HIS A 349 -18.55 7.54 -12.92
C HIS A 349 -17.56 6.66 -12.17
N PHE A 350 -18.06 5.69 -11.43
CA PHE A 350 -17.21 4.80 -10.68
C PHE A 350 -16.79 3.61 -11.53
N ARG A 351 -15.65 3.02 -11.21
CA ARG A 351 -15.24 1.80 -11.88
C ARG A 351 -16.05 0.61 -11.40
N GLU A 352 -16.52 0.66 -10.15
CA GLU A 352 -17.26 -0.44 -9.54
C GLU A 352 -18.76 -0.17 -9.46
N LEU A 353 -19.17 1.07 -9.20
CA LEU A 353 -20.58 1.38 -9.00
C LEU A 353 -21.25 1.95 -10.25
N GLY A 354 -20.52 2.09 -11.35
CA GLY A 354 -21.13 2.60 -12.57
C GLY A 354 -21.35 4.10 -12.52
N VAL A 355 -22.28 4.55 -13.35
CA VAL A 355 -22.63 5.96 -13.45
C VAL A 355 -23.71 6.27 -12.42
N VAL A 356 -23.51 7.35 -11.65
CA VAL A 356 -24.49 7.82 -10.68
C VAL A 356 -24.65 9.32 -10.86
N HIS A 357 -25.90 9.78 -10.88
CA HIS A 357 -26.22 11.18 -11.09
C HIS A 357 -26.80 11.77 -9.82
N ASN A 358 -26.42 13.01 -9.51
CA ASN A 358 -26.98 13.69 -8.37
C ASN A 358 -28.46 14.00 -8.62
N GLN A 359 -29.20 14.13 -7.53
CA GLN A 359 -30.63 14.41 -7.62
C GLN A 359 -30.98 15.87 -7.40
N ASP A 360 -30.27 16.55 -6.50
CA ASP A 360 -30.49 17.97 -6.25
C ASP A 360 -29.48 18.80 -7.04
N VAL A 361 -29.73 18.87 -8.35
CA VAL A 361 -28.95 19.71 -9.26
C VAL A 361 -29.86 20.81 -9.75
N ASN A 362 -29.49 22.07 -9.48
CA ASN A 362 -30.30 23.21 -9.86
C ASN A 362 -29.47 24.17 -10.69
N LEU A 363 -29.97 24.48 -11.88
CA LEU A 363 -29.42 25.53 -12.72
C LEU A 363 -30.08 26.86 -12.39
N HIS A 364 -29.45 27.94 -12.85
CA HIS A 364 -30.03 29.28 -12.78
C HIS A 364 -30.44 29.65 -11.36
N SER A 365 -29.43 29.75 -10.49
CA SER A 365 -29.63 30.22 -9.13
C SER A 365 -29.19 31.68 -9.02
N SER A 366 -29.93 32.45 -8.23
CA SER A 366 -29.61 33.86 -8.03
C SER A 366 -28.56 34.10 -6.96
N ARG A 367 -28.40 33.17 -6.02
CA ARG A 367 -27.38 33.30 -4.99
C ARG A 367 -27.00 31.90 -4.53
N LEU A 368 -25.86 31.80 -3.85
CA LEU A 368 -25.37 30.55 -3.29
C LEU A 368 -25.47 30.61 -1.77
N SER A 369 -26.12 29.62 -1.19
CA SER A 369 -26.17 29.52 0.27
C SER A 369 -24.80 29.14 0.83
N PHE A 370 -24.73 29.00 2.15
CA PHE A 370 -23.45 28.69 2.77
C PHE A 370 -23.04 27.24 2.49
N LYS A 371 -23.98 26.30 2.59
CA LYS A 371 -23.64 24.92 2.32
C LYS A 371 -23.39 24.68 0.83
N GLU A 372 -24.06 25.45 -0.03
CA GLU A 372 -23.74 25.37 -1.45
C GLU A 372 -22.35 25.89 -1.73
N LEU A 373 -21.95 26.97 -1.04
CA LEU A 373 -20.57 27.44 -1.15
C LEU A 373 -19.59 26.38 -0.67
N LEU A 374 -19.93 25.68 0.41
CA LEU A 374 -19.04 24.63 0.92
C LEU A 374 -18.89 23.51 -0.10
N VAL A 375 -20.00 23.00 -0.63
CA VAL A 375 -19.92 21.88 -1.56
C VAL A 375 -19.33 22.29 -2.90
N TYR A 376 -19.39 23.58 -3.26
CA TYR A 376 -18.76 24.02 -4.49
C TYR A 376 -17.27 24.28 -4.30
N ALA A 377 -16.86 24.68 -3.09
CA ALA A 377 -15.44 24.89 -2.83
C ALA A 377 -14.70 23.60 -2.58
N ALA A 378 -15.37 22.60 -2.00
CA ALA A 378 -14.73 21.29 -1.84
C ALA A 378 -14.69 20.50 -3.12
N ASP A 379 -15.53 20.83 -4.09
CA ASP A 379 -15.57 20.12 -5.36
C ASP A 379 -14.27 20.33 -6.12
N PRO A 380 -13.58 19.27 -6.53
CA PRO A 380 -12.39 19.45 -7.38
C PRO A 380 -12.69 19.93 -8.79
N ALA A 381 -13.97 20.11 -9.14
CA ALA A 381 -14.32 20.49 -10.49
C ALA A 381 -13.79 21.88 -10.84
N MET A 382 -14.07 22.86 -9.99
CA MET A 382 -13.61 24.21 -10.26
C MET A 382 -12.11 24.36 -10.03
N HIS A 383 -11.50 23.50 -9.21
CA HIS A 383 -10.06 23.58 -8.99
C HIS A 383 -9.28 23.00 -10.16
N ALA A 384 -9.77 21.90 -10.73
CA ALA A 384 -9.08 21.29 -11.86
C ALA A 384 -9.44 21.96 -13.18
N ALA A 385 -10.64 22.54 -13.29
CA ALA A 385 -11.04 23.19 -14.52
C ALA A 385 -10.31 24.51 -14.76
N SER A 386 -9.85 25.16 -13.69
CA SER A 386 -9.11 26.42 -13.82
C SER A 386 -7.61 26.24 -13.64
N GLY A 387 -7.13 25.00 -13.57
CA GLY A 387 -5.71 24.75 -13.39
C GLY A 387 -5.03 24.38 -14.69
N ASN A 388 -3.72 24.23 -14.61
CA ASN A 388 -2.91 23.90 -15.77
C ASN A 388 -2.87 22.40 -15.97
N LEU A 389 -2.75 21.99 -17.24
CA LEU A 389 -2.57 20.58 -17.53
C LEU A 389 -1.22 20.11 -17.00
N LEU A 390 -1.18 18.86 -16.54
CA LEU A 390 0.01 18.32 -15.90
C LEU A 390 0.36 16.98 -16.52
N LEU A 391 1.63 16.81 -16.88
CA LEU A 391 2.17 15.55 -17.35
C LEU A 391 3.34 15.20 -16.43
N ASP A 392 3.07 14.38 -15.41
CA ASP A 392 4.06 14.02 -14.41
C ASP A 392 4.68 12.69 -14.83
N LYS A 393 5.90 12.75 -15.34
CA LYS A 393 6.60 11.56 -15.80
C LYS A 393 7.31 10.80 -14.68
N ARG A 394 7.16 11.24 -13.44
CA ARG A 394 7.77 10.55 -12.32
C ARG A 394 6.93 9.39 -11.81
N THR A 395 5.62 9.43 -12.04
CA THR A 395 4.70 8.38 -11.61
C THR A 395 4.01 7.76 -12.81
N THR A 396 3.49 6.55 -12.59
CA THR A 396 2.63 5.88 -13.56
C THR A 396 1.16 6.12 -13.26
N CYS A 397 0.84 6.93 -12.26
CA CYS A 397 -0.54 7.19 -11.87
C CYS A 397 -1.12 8.34 -12.69
N PHE A 398 -2.44 8.42 -12.70
CA PHE A 398 -3.12 9.45 -13.48
C PHE A 398 -3.00 10.80 -12.79
N SER A 399 -2.66 11.83 -13.56
CA SER A 399 -2.48 13.18 -13.03
C SER A 399 -3.47 14.10 -13.73
N VAL A 400 -4.28 14.81 -12.94
CA VAL A 400 -5.34 15.63 -13.52
C VAL A 400 -4.80 16.99 -13.94
N ALA A 401 -4.32 17.78 -12.99
CA ALA A 401 -3.96 19.16 -13.27
C ALA A 401 -3.02 19.66 -12.19
N ALA A 402 -2.33 20.75 -12.51
CA ALA A 402 -1.44 21.42 -11.57
C ALA A 402 -2.11 22.72 -11.13
N LEU A 403 -2.34 22.86 -9.83
CA LEU A 403 -3.09 24.02 -9.34
C LEU A 403 -2.20 25.25 -9.20
N THR A 404 -0.89 25.09 -9.20
CA THR A 404 0.05 26.19 -9.08
C THR A 404 0.96 26.21 -10.30
N ASN A 405 1.73 27.29 -10.44
CA ASN A 405 2.70 27.38 -11.53
C ASN A 405 4.00 26.66 -11.21
N ASN A 406 4.25 26.36 -9.95
CA ASN A 406 5.48 25.69 -9.54
C ASN A 406 5.17 24.39 -8.80
N VAL A 407 6.06 23.43 -8.93
CA VAL A 407 5.97 22.17 -8.21
C VAL A 407 6.61 22.35 -6.85
N ALA A 408 6.03 21.71 -5.83
CA ALA A 408 6.54 21.78 -4.47
C ALA A 408 7.34 20.53 -4.15
N PHE A 409 8.56 20.72 -3.68
CA PHE A 409 9.45 19.62 -3.27
C PHE A 409 9.67 19.74 -1.77
N GLN A 410 8.99 18.89 -1.01
CA GLN A 410 9.00 18.95 0.45
C GLN A 410 9.99 17.96 1.02
N THR A 411 10.88 18.44 1.88
CA THR A 411 11.89 17.61 2.51
C THR A 411 11.55 17.39 3.98
N VAL A 412 12.23 16.42 4.58
CA VAL A 412 12.08 16.11 5.99
C VAL A 412 13.41 16.37 6.68
N LYS A 413 13.35 16.82 7.92
CA LYS A 413 14.53 17.21 8.68
C LYS A 413 15.05 16.04 9.51
N PRO A 414 16.32 16.07 9.88
CA PRO A 414 16.82 15.10 10.86
C PRO A 414 16.38 15.48 12.27
N GLY A 415 16.43 14.49 13.15
CA GLY A 415 16.04 14.71 14.53
C GLY A 415 17.07 15.50 15.30
N ASN A 416 16.68 15.91 16.50
CA ASN A 416 17.55 16.65 17.39
C ASN A 416 18.16 15.70 18.41
N PHE A 417 19.45 15.84 18.64
CA PHE A 417 20.19 14.92 19.51
C PHE A 417 20.15 15.43 20.94
N ASN A 418 19.58 14.62 21.84
CA ASN A 418 19.52 14.92 23.26
C ASN A 418 20.82 14.45 23.88
N LYS A 419 21.85 15.30 23.82
CA LYS A 419 23.19 14.87 24.21
C LYS A 419 23.29 14.62 25.70
N ASP A 420 22.45 15.28 26.50
CA ASP A 420 22.50 15.10 27.95
C ASP A 420 22.05 13.70 28.33
N PHE A 421 20.94 13.24 27.76
CA PHE A 421 20.46 11.90 28.06
C PHE A 421 21.44 10.84 27.55
N TYR A 422 22.03 11.07 26.38
CA TYR A 422 22.99 10.11 25.86
C TYR A 422 24.25 10.05 26.71
N ASP A 423 24.72 11.20 27.20
CA ASP A 423 25.87 11.21 28.10
C ASP A 423 25.55 10.50 29.40
N PHE A 424 24.35 10.74 29.95
CA PHE A 424 23.92 10.03 31.15
C PHE A 424 23.88 8.53 30.91
N ALA A 425 23.33 8.11 29.78
CA ALA A 425 23.22 6.68 29.48
C ALA A 425 24.60 6.05 29.39
N VAL A 426 25.51 6.64 28.60
CA VAL A 426 26.83 6.05 28.47
C VAL A 426 27.64 6.16 29.76
N SER A 427 27.23 7.04 30.67
CA SER A 427 27.86 7.07 31.99
C SER A 427 27.37 5.93 32.89
N LYS A 428 26.23 5.34 32.57
CA LYS A 428 25.68 4.23 33.35
C LYS A 428 26.04 2.87 32.75
N GLY A 429 26.88 2.84 31.72
CA GLY A 429 27.30 1.60 31.12
C GLY A 429 26.49 1.14 29.93
N PHE A 430 25.82 2.04 29.22
CA PHE A 430 25.00 1.71 28.08
C PHE A 430 25.78 1.92 26.78
N PHE A 431 25.24 1.36 25.70
CA PHE A 431 25.76 1.56 24.35
C PHE A 431 27.23 1.15 24.25
N LYS A 432 27.51 -0.08 24.68
CA LYS A 432 28.84 -0.64 24.58
C LYS A 432 28.95 -1.51 23.33
N GLU A 433 30.10 -2.14 23.16
CA GLU A 433 30.34 -2.94 21.97
C GLU A 433 29.73 -4.32 22.14
N GLY A 434 28.94 -4.74 21.16
CA GLY A 434 28.28 -6.04 21.23
C GLY A 434 27.29 -6.17 22.36
N SER A 435 26.54 -5.10 22.64
CA SER A 435 25.57 -5.11 23.74
C SER A 435 24.23 -5.66 23.26
N SER A 436 23.33 -5.87 24.23
CA SER A 436 22.00 -6.37 23.91
C SER A 436 21.10 -5.28 23.33
N VAL A 437 21.19 -4.06 23.85
CA VAL A 437 20.40 -2.93 23.36
C VAL A 437 21.29 -2.02 22.54
N GLU A 438 20.82 -1.66 21.35
CA GLU A 438 21.53 -0.76 20.46
C GLU A 438 20.54 0.22 19.87
N LEU A 439 21.02 1.40 19.53
CA LEU A 439 20.16 2.40 18.90
C LEU A 439 19.81 1.97 17.48
N LYS A 440 18.52 1.74 17.25
CA LYS A 440 18.04 1.35 15.92
C LYS A 440 16.86 2.17 15.44
N HIS A 441 16.36 3.11 16.24
CA HIS A 441 15.24 3.97 15.86
C HIS A 441 15.72 5.40 15.82
N PHE A 442 15.70 6.01 14.65
CA PHE A 442 16.17 7.37 14.43
C PHE A 442 15.11 8.17 13.70
N PHE A 443 15.43 9.44 13.47
CA PHE A 443 14.63 10.32 12.61
C PHE A 443 15.33 10.37 11.25
N PHE A 444 14.83 9.60 10.30
CA PHE A 444 15.44 9.55 8.98
C PHE A 444 15.01 10.77 8.16
N ALA A 445 15.96 11.38 7.48
CA ALA A 445 15.69 12.54 6.65
C ALA A 445 15.33 12.12 5.24
N GLN A 446 14.59 12.99 4.55
CA GLN A 446 14.15 12.73 3.19
C GLN A 446 14.44 13.95 2.33
N ASP A 447 14.70 13.70 1.05
CA ASP A 447 14.96 14.76 0.09
C ASP A 447 13.65 15.20 -0.55
N GLY A 448 13.74 16.04 -1.59
CA GLY A 448 12.56 16.58 -2.22
C GLY A 448 11.74 15.56 -3.00
N ASN A 449 12.36 14.46 -3.42
CA ASN A 449 11.69 13.45 -4.23
C ASN A 449 11.01 12.39 -3.38
N ALA A 450 10.68 12.68 -2.14
CA ALA A 450 10.12 11.67 -1.25
C ALA A 450 8.60 11.57 -1.34
N ALA A 451 7.91 12.72 -1.42
CA ALA A 451 6.45 12.70 -1.43
C ALA A 451 5.90 11.98 -2.65
N ILE A 452 6.41 12.31 -3.83
CA ILE A 452 5.88 11.72 -5.05
C ILE A 452 6.35 10.27 -5.18
N SER A 453 7.56 9.96 -4.70
CA SER A 453 8.03 8.59 -4.74
C SER A 453 7.27 7.69 -3.78
N ASP A 454 6.72 8.25 -2.70
CA ASP A 454 5.84 7.49 -1.84
C ASP A 454 4.44 7.38 -2.40
N TYR A 455 3.95 8.43 -3.07
CA TYR A 455 2.66 8.33 -3.73
C TYR A 455 2.68 7.29 -4.83
N ASP A 456 3.82 7.13 -5.51
CA ASP A 456 3.92 6.16 -6.60
C ASP A 456 3.77 4.73 -6.14
N TYR A 457 3.75 4.46 -4.83
CA TYR A 457 3.55 3.10 -4.36
C TYR A 457 2.13 2.60 -4.58
N TYR A 458 1.25 3.41 -5.15
CA TYR A 458 -0.08 2.97 -5.52
C TYR A 458 -0.09 2.13 -6.78
N ARG A 459 1.07 1.87 -7.37
CA ARG A 459 1.19 0.94 -8.48
C ARG A 459 0.92 -0.50 -8.06
N TYR A 460 0.88 -0.76 -6.75
CA TYR A 460 0.58 -2.08 -6.22
C TYR A 460 -0.91 -2.35 -6.12
N ASN A 461 -1.74 -1.37 -6.41
CA ASN A 461 -3.19 -1.54 -6.41
C ASN A 461 -3.63 -1.90 -7.82
N LEU A 462 -4.00 -3.16 -8.03
CA LEU A 462 -4.44 -3.65 -9.31
C LEU A 462 -5.92 -4.01 -9.26
N PRO A 463 -6.63 -3.95 -10.39
CA PRO A 463 -8.02 -4.38 -10.40
C PRO A 463 -8.14 -5.85 -10.07
N THR A 464 -8.76 -6.17 -8.93
CA THR A 464 -8.91 -7.55 -8.48
C THR A 464 -10.37 -7.93 -8.53
N MET A 465 -10.70 -8.92 -9.35
CA MET A 465 -12.03 -9.49 -9.42
C MET A 465 -12.08 -10.67 -8.44
N CYS A 466 -13.08 -10.68 -7.58
CA CYS A 466 -13.16 -11.68 -6.52
C CYS A 466 -14.09 -12.81 -6.92
N ASP A 467 -13.92 -13.94 -6.24
CA ASP A 467 -14.89 -15.03 -6.32
C ASP A 467 -16.14 -14.59 -5.59
N ILE A 468 -17.22 -14.31 -6.33
CA ILE A 468 -18.36 -13.65 -5.71
C ILE A 468 -19.17 -14.63 -4.87
N ARG A 469 -19.30 -15.88 -5.31
CA ARG A 469 -20.08 -16.84 -4.53
C ARG A 469 -19.43 -17.09 -3.18
N GLN A 470 -18.11 -16.95 -3.10
CA GLN A 470 -17.36 -17.06 -1.86
C GLN A 470 -17.40 -15.77 -1.05
N LEU A 471 -17.34 -14.63 -1.74
CA LEU A 471 -17.31 -13.34 -1.06
C LEU A 471 -18.64 -13.03 -0.38
N LEU A 472 -19.75 -13.37 -1.03
CA LEU A 472 -21.06 -13.09 -0.45
C LEU A 472 -21.53 -14.19 0.50
N PHE A 473 -20.60 -15.00 1.00
CA PHE A 473 -20.77 -15.84 2.19
C PHE A 473 -19.78 -15.46 3.28
N VAL A 474 -18.54 -15.16 2.89
CA VAL A 474 -17.60 -14.57 3.83
C VAL A 474 -18.15 -13.29 4.43
N VAL A 475 -18.91 -12.52 3.63
CA VAL A 475 -19.45 -11.27 4.17
C VAL A 475 -20.52 -11.56 5.22
N GLU A 476 -21.29 -12.64 5.06
CA GLU A 476 -22.27 -12.99 6.07
C GLU A 476 -21.60 -13.45 7.36
N VAL A 477 -20.49 -14.17 7.24
CA VAL A 477 -19.75 -14.58 8.44
C VAL A 477 -19.16 -13.37 9.15
N VAL A 478 -18.63 -12.41 8.39
CA VAL A 478 -18.10 -11.19 9.01
C VAL A 478 -19.21 -10.41 9.68
N ASP A 479 -20.38 -10.33 9.04
CA ASP A 479 -21.52 -9.68 9.67
C ASP A 479 -21.89 -10.35 10.97
N LYS A 480 -21.82 -11.68 11.03
CA LYS A 480 -22.00 -12.38 12.30
C LYS A 480 -20.93 -11.96 13.31
N TYR A 481 -19.71 -11.70 12.83
CA TYR A 481 -18.66 -11.20 13.72
C TYR A 481 -18.93 -9.79 14.22
N PHE A 482 -19.76 -9.01 13.54
CA PHE A 482 -20.00 -7.61 13.92
C PHE A 482 -21.44 -7.41 14.40
N ASP A 483 -21.99 -8.34 15.17
CA ASP A 483 -23.38 -8.25 15.59
C ASP A 483 -23.58 -7.69 16.99
N CYS A 484 -22.56 -7.70 17.84
CA CYS A 484 -22.70 -7.24 19.21
C CYS A 484 -22.64 -5.72 19.34
N TYR A 485 -22.57 -4.99 18.24
CA TYR A 485 -22.40 -3.55 18.26
C TYR A 485 -23.70 -2.83 17.92
N ASP A 486 -23.75 -1.56 18.27
CA ASP A 486 -24.92 -0.73 18.08
C ASP A 486 -24.54 0.50 17.25
N GLY A 487 -25.21 0.69 16.12
CA GLY A 487 -24.89 1.79 15.23
C GLY A 487 -26.14 2.46 14.69
N GLY A 488 -25.92 3.37 13.76
CA GLY A 488 -26.99 4.14 13.16
C GLY A 488 -26.53 5.57 12.97
N CYS A 489 -27.45 6.41 12.52
CA CYS A 489 -27.17 7.82 12.36
C CYS A 489 -27.49 8.59 13.64
N ILE A 490 -26.71 9.64 13.88
CA ILE A 490 -26.92 10.54 15.00
C ILE A 490 -27.16 11.94 14.43
N ASN A 491 -27.74 12.80 15.25
CA ASN A 491 -28.04 14.16 14.86
C ASN A 491 -26.75 14.99 14.86
N ALA A 492 -26.88 16.29 14.64
CA ALA A 492 -25.70 17.15 14.64
C ALA A 492 -25.27 17.53 16.05
N ASN A 493 -26.19 17.54 17.01
CA ASN A 493 -25.86 17.88 18.39
C ASN A 493 -25.48 16.66 19.22
N GLN A 494 -25.30 15.50 18.59
CA GLN A 494 -24.84 14.31 19.28
C GLN A 494 -23.44 13.89 18.84
N VAL A 495 -22.81 14.65 17.97
CA VAL A 495 -21.47 14.34 17.47
C VAL A 495 -20.45 14.81 18.49
N ILE A 496 -19.54 13.93 18.87
CA ILE A 496 -18.47 14.23 19.82
C ILE A 496 -17.20 14.43 19.00
N VAL A 497 -16.89 15.68 18.68
CA VAL A 497 -15.72 16.01 17.88
C VAL A 497 -14.59 16.45 18.82
N ASN A 498 -13.49 15.72 18.79
CA ASN A 498 -12.28 16.08 19.50
C ASN A 498 -11.26 16.64 18.53
N ASN A 499 -10.32 17.42 19.06
CA ASN A 499 -9.33 18.12 18.26
C ASN A 499 -10.01 19.04 17.24
N LEU A 500 -10.73 20.03 17.77
CA LEU A 500 -11.45 20.99 16.96
C LEU A 500 -10.55 22.10 16.43
N ASP A 501 -9.24 22.03 16.68
CA ASP A 501 -8.31 23.05 16.24
C ASP A 501 -7.29 22.47 15.27
N LYS A 502 -7.73 21.61 14.37
CA LYS A 502 -6.88 21.01 13.37
C LYS A 502 -7.27 21.55 11.99
N SER A 503 -6.68 21.01 10.95
CA SER A 503 -6.96 21.47 9.61
C SER A 503 -8.25 21.06 9.11
N ALA A 504 -8.69 21.77 8.13
CA ALA A 504 -9.97 21.41 7.52
C ALA A 504 -9.80 20.91 6.10
N GLY A 505 -8.62 20.42 5.74
CA GLY A 505 -8.39 19.92 4.40
C GLY A 505 -8.33 21.04 3.38
N PHE A 506 -8.29 20.62 2.11
CA PHE A 506 -8.20 21.53 0.97
C PHE A 506 -9.58 21.76 0.37
N PRO A 507 -9.94 23.01 0.04
CA PRO A 507 -9.16 24.23 0.19
C PRO A 507 -9.52 25.00 1.46
N PHE A 508 -10.09 24.31 2.44
CA PHE A 508 -10.62 25.00 3.61
C PHE A 508 -9.55 25.42 4.59
N ASN A 509 -8.35 24.86 4.49
CA ASN A 509 -7.26 25.28 5.37
C ASN A 509 -6.71 26.65 5.03
N LYS A 510 -7.25 27.30 3.99
CA LYS A 510 -6.84 28.66 3.66
C LYS A 510 -7.49 29.70 4.54
N TRP A 511 -8.61 29.38 5.19
CA TRP A 511 -9.41 30.36 5.90
C TRP A 511 -9.59 30.07 7.38
N GLY A 512 -9.18 28.89 7.87
CA GLY A 512 -9.30 28.61 9.28
C GLY A 512 -9.20 27.13 9.56
N LYS A 513 -9.39 26.80 10.84
CA LYS A 513 -9.33 25.43 11.33
C LYS A 513 -10.73 24.82 11.30
N ALA A 514 -10.83 23.59 11.83
CA ALA A 514 -12.14 22.94 11.91
C ALA A 514 -13.08 23.69 12.83
N ARG A 515 -12.54 24.41 13.81
CA ARG A 515 -13.39 25.19 14.71
C ARG A 515 -14.15 26.26 13.96
N LEU A 516 -13.53 26.85 12.93
CA LEU A 516 -14.20 27.89 12.16
C LEU A 516 -15.45 27.36 11.47
N TYR A 517 -15.37 26.17 10.88
CA TYR A 517 -16.49 25.62 10.15
C TYR A 517 -17.51 24.96 11.06
N TYR A 518 -17.08 24.48 12.23
CA TYR A 518 -18.05 24.00 13.20
C TYR A 518 -18.74 25.13 13.95
N ASP A 519 -18.17 26.33 13.93
CA ASP A 519 -18.81 27.49 14.55
C ASP A 519 -19.66 28.29 13.58
N SER A 520 -19.28 28.31 12.29
CA SER A 520 -20.06 29.06 11.31
C SER A 520 -21.31 28.29 10.88
N MET A 521 -21.25 26.96 10.86
CA MET A 521 -22.39 26.14 10.51
C MET A 521 -23.25 25.89 11.74
N SER A 522 -24.55 26.18 11.62
CA SER A 522 -25.48 25.87 12.69
C SER A 522 -25.67 24.35 12.77
N TYR A 523 -26.51 23.92 13.71
CA TYR A 523 -26.81 22.50 13.80
C TYR A 523 -27.70 22.06 12.65
N GLU A 524 -28.70 22.85 12.31
CA GLU A 524 -29.55 22.51 11.18
C GLU A 524 -28.81 22.65 9.85
N ASP A 525 -27.77 23.49 9.79
CA ASP A 525 -26.97 23.56 8.58
C ASP A 525 -26.17 22.28 8.37
N GLN A 526 -25.58 21.74 9.44
CA GLN A 526 -24.89 20.47 9.33
C GLN A 526 -25.87 19.34 9.03
N ASP A 527 -27.06 19.38 9.62
CA ASP A 527 -28.08 18.39 9.31
C ASP A 527 -28.48 18.45 7.85
N ALA A 528 -28.59 19.66 7.29
CA ALA A 528 -28.94 19.81 5.88
C ALA A 528 -27.81 19.31 4.99
N LEU A 529 -26.56 19.58 5.34
CA LEU A 529 -25.44 19.03 4.59
C LEU A 529 -25.48 17.50 4.60
N PHE A 530 -25.74 16.91 5.77
CA PHE A 530 -25.80 15.45 5.87
C PHE A 530 -26.94 14.89 5.03
N ALA A 531 -28.11 15.52 5.08
CA ALA A 531 -29.22 15.06 4.25
C ALA A 531 -28.93 15.26 2.78
N TYR A 532 -28.09 16.24 2.43
CA TYR A 532 -27.68 16.43 1.05
C TYR A 532 -26.81 15.28 0.58
N THR A 533 -25.87 14.83 1.43
CA THR A 533 -24.98 13.76 1.02
C THR A 533 -25.69 12.42 0.83
N LYS A 534 -26.96 12.32 1.21
CA LYS A 534 -27.72 11.10 0.99
C LYS A 534 -28.46 11.09 -0.34
N ARG A 535 -28.41 12.18 -1.09
CA ARG A 535 -28.99 12.23 -2.42
C ARG A 535 -28.01 12.67 -3.48
N ASN A 536 -26.80 13.09 -3.12
CA ASN A 536 -25.84 13.61 -4.07
C ASN A 536 -24.45 13.11 -3.71
N VAL A 537 -23.59 13.02 -4.71
CA VAL A 537 -22.20 12.60 -4.54
C VAL A 537 -21.33 13.85 -4.48
N ILE A 538 -20.63 14.02 -3.38
CA ILE A 538 -19.69 15.12 -3.20
C ILE A 538 -18.27 14.57 -3.26
N PRO A 539 -17.57 14.77 -4.36
CA PRO A 539 -16.15 14.41 -4.39
C PRO A 539 -15.31 15.47 -3.72
N THR A 540 -14.30 15.04 -2.98
CA THR A 540 -13.44 15.95 -2.23
C THR A 540 -11.99 15.67 -2.56
N ILE A 541 -11.11 16.53 -2.04
CA ILE A 541 -9.67 16.43 -2.24
C ILE A 541 -9.02 16.17 -0.89
N THR A 542 -8.05 15.25 -0.87
CA THR A 542 -7.24 14.99 0.31
C THR A 542 -5.81 15.45 0.03
N GLN A 543 -5.13 15.91 1.07
CA GLN A 543 -3.81 16.52 0.94
C GLN A 543 -2.78 15.63 1.61
N MET A 544 -1.83 15.13 0.82
CA MET A 544 -0.77 14.26 1.30
C MET A 544 0.46 15.08 1.65
N ASN A 545 1.03 14.83 2.82
CA ASN A 545 2.28 15.46 3.22
C ASN A 545 3.04 14.53 4.13
N LEU A 546 4.35 14.77 4.22
CA LEU A 546 5.25 13.84 4.90
C LEU A 546 5.01 13.86 6.40
N LYS A 547 5.55 12.83 7.06
CA LYS A 547 5.45 12.64 8.50
C LYS A 547 6.83 12.76 9.14
N TYR A 548 6.89 13.46 10.27
CA TYR A 548 8.16 13.71 10.97
C TYR A 548 8.12 12.93 12.28
N ALA A 549 8.55 11.68 12.22
CA ALA A 549 8.48 10.80 13.38
C ALA A 549 9.65 9.84 13.37
N ILE A 550 9.90 9.23 14.51
CA ILE A 550 11.00 8.28 14.70
C ILE A 550 10.57 6.93 14.16
N SER A 551 11.52 6.20 13.58
CA SER A 551 11.22 4.93 12.94
C SER A 551 12.51 4.13 12.79
N ALA A 552 12.36 2.88 12.35
CA ALA A 552 13.49 1.99 12.13
C ALA A 552 13.78 1.73 10.66
N LYS A 553 12.96 2.23 9.75
CA LYS A 553 13.20 2.10 8.32
C LYS A 553 13.39 3.48 7.71
N ASN A 554 14.21 3.54 6.66
CA ASN A 554 14.52 4.80 6.00
C ASN A 554 13.51 5.16 4.92
N ARG A 555 12.32 4.60 4.97
CA ARG A 555 11.27 4.88 4.01
C ARG A 555 10.40 6.03 4.48
N ALA A 556 10.04 6.91 3.56
CA ALA A 556 9.19 8.04 3.90
C ALA A 556 7.76 7.59 4.16
N ARG A 557 7.13 8.22 5.14
CA ARG A 557 5.77 7.90 5.53
C ARG A 557 4.91 9.15 5.38
N THR A 558 3.88 9.06 4.56
CA THR A 558 3.01 10.20 4.27
C THR A 558 1.69 10.05 5.02
N VAL A 559 1.07 11.17 5.35
CA VAL A 559 -0.19 11.21 6.05
C VAL A 559 -1.16 12.08 5.28
N ALA A 560 -2.43 11.67 5.25
CA ALA A 560 -3.45 12.33 4.46
C ALA A 560 -4.33 13.20 5.35
N GLY A 561 -4.73 14.36 4.82
CA GLY A 561 -5.70 15.19 5.49
C GLY A 561 -6.91 15.43 4.61
N VAL A 562 -8.06 14.85 4.99
CA VAL A 562 -9.25 14.92 4.18
C VAL A 562 -10.04 16.19 4.51
N SER A 563 -10.97 16.56 3.64
CA SER A 563 -11.67 17.83 3.74
C SER A 563 -12.55 17.87 4.99
N ILE A 564 -13.17 19.02 5.23
CA ILE A 564 -14.04 19.17 6.39
C ILE A 564 -15.43 18.65 6.10
N CYS A 565 -15.86 18.66 4.84
CA CYS A 565 -17.17 18.10 4.50
C CYS A 565 -17.18 16.60 4.70
N SER A 566 -16.13 15.92 4.24
CA SER A 566 -16.05 14.47 4.36
C SER A 566 -16.12 14.04 5.82
N THR A 567 -15.29 14.64 6.67
CA THR A 567 -15.33 14.28 8.09
C THR A 567 -16.64 14.69 8.73
N MET A 568 -17.11 15.90 8.44
CA MET A 568 -18.33 16.40 9.07
C MET A 568 -19.51 15.48 8.81
N THR A 569 -19.57 14.87 7.62
CA THR A 569 -20.70 13.98 7.35
C THR A 569 -20.41 12.54 7.75
N ASN A 570 -19.18 12.07 7.60
CA ASN A 570 -18.87 10.70 8.00
C ASN A 570 -18.95 10.52 9.50
N ARG A 571 -18.76 11.59 10.28
CA ARG A 571 -19.00 11.50 11.71
C ARG A 571 -20.46 11.16 11.99
N GLN A 572 -21.38 11.98 11.48
CA GLN A 572 -22.80 11.71 11.69
C GLN A 572 -23.20 10.35 11.16
N PHE A 573 -22.51 9.84 10.14
CA PHE A 573 -22.86 8.53 9.62
C PHE A 573 -22.36 7.40 10.52
N HIS A 574 -21.08 7.43 10.91
CA HIS A 574 -20.42 6.26 11.46
C HIS A 574 -20.06 6.34 12.94
N GLN A 575 -20.23 7.50 13.59
CA GLN A 575 -19.62 7.68 14.89
C GLN A 575 -20.29 6.85 15.98
N LYS A 576 -21.60 6.66 15.89
CA LYS A 576 -22.28 5.82 16.88
C LYS A 576 -21.70 4.41 16.86
N LEU A 577 -21.56 3.82 15.67
CA LEU A 577 -21.02 2.47 15.57
C LEU A 577 -19.55 2.43 15.98
N LEU A 578 -18.78 3.46 15.62
CA LEU A 578 -17.37 3.45 15.99
C LEU A 578 -17.17 3.54 17.49
N LYS A 579 -17.96 4.41 18.12
CA LYS A 579 -17.92 4.56 19.56
C LYS A 579 -18.31 3.25 20.21
N SER A 580 -19.29 2.57 19.63
CA SER A 580 -19.76 1.32 20.20
C SER A 580 -18.73 0.21 20.05
N ILE A 581 -18.02 0.17 18.92
CA ILE A 581 -16.94 -0.80 18.75
C ILE A 581 -15.83 -0.54 19.74
N ALA A 582 -15.46 0.74 19.92
CA ALA A 582 -14.34 1.08 20.80
C ALA A 582 -14.71 1.08 22.28
N ALA A 583 -15.90 0.62 22.64
CA ALA A 583 -16.32 0.56 24.03
C ALA A 583 -16.66 -0.85 24.48
N THR A 584 -16.52 -1.84 23.62
CA THR A 584 -16.88 -3.22 23.94
C THR A 584 -15.63 -4.00 24.34
N ARG A 585 -15.69 -4.65 25.49
CA ARG A 585 -14.58 -5.44 26.01
C ARG A 585 -14.95 -6.92 25.95
N GLY A 586 -14.05 -7.72 25.39
CA GLY A 586 -14.28 -9.14 25.27
C GLY A 586 -14.70 -9.62 23.91
N ALA A 587 -14.54 -8.81 22.87
CA ALA A 587 -14.94 -9.15 21.51
C ALA A 587 -13.71 -9.51 20.69
N THR A 588 -13.93 -9.74 19.40
CA THR A 588 -12.84 -10.12 18.51
C THR A 588 -12.00 -8.90 18.13
N VAL A 589 -12.66 -7.78 17.81
CA VAL A 589 -11.96 -6.56 17.40
C VAL A 589 -11.66 -5.78 18.67
N VAL A 590 -10.40 -5.85 19.12
CA VAL A 590 -9.98 -5.16 20.35
C VAL A 590 -9.44 -3.80 19.93
N ILE A 591 -10.36 -2.86 19.75
CA ILE A 591 -10.03 -1.46 19.52
C ILE A 591 -10.59 -0.65 20.68
N GLY A 592 -9.80 0.30 21.17
CA GLY A 592 -10.19 1.05 22.33
C GLY A 592 -10.00 0.30 23.64
N THR A 593 -9.44 -0.89 23.61
CA THR A 593 -9.13 -1.64 24.82
C THR A 593 -7.71 -1.29 25.24
N SER A 594 -7.60 -0.64 26.40
CA SER A 594 -6.29 -0.25 26.90
C SER A 594 -5.47 -1.48 27.27
N LYS A 595 -4.16 -1.30 27.29
CA LYS A 595 -3.23 -2.36 27.70
C LYS A 595 -2.81 -2.23 29.15
N PHE A 596 -3.21 -1.16 29.83
CA PHE A 596 -2.84 -0.94 31.21
C PHE A 596 -3.89 -1.52 32.15
N TYR A 597 -3.53 -1.59 33.43
CA TYR A 597 -4.43 -2.05 34.49
C TYR A 597 -4.98 -3.44 34.19
N GLY A 598 -4.19 -4.27 33.53
CA GLY A 598 -4.59 -5.62 33.25
C GLY A 598 -5.34 -5.84 31.96
N GLY A 599 -5.30 -4.89 31.04
CA GLY A 599 -6.01 -5.07 29.78
C GLY A 599 -5.33 -6.08 28.87
N TRP A 600 -4.00 -6.13 28.91
CA TRP A 600 -3.25 -7.09 28.11
C TRP A 600 -3.57 -8.52 28.54
N HIS A 601 -3.54 -8.76 29.86
CA HIS A 601 -3.86 -10.08 30.38
C HIS A 601 -5.28 -10.49 30.02
N ASN A 602 -6.23 -9.55 30.10
CA ASN A 602 -7.61 -9.87 29.78
C ASN A 602 -7.78 -10.18 28.30
N MET A 603 -7.16 -9.39 27.44
CA MET A 603 -7.21 -9.69 26.01
C MET A 603 -6.65 -11.07 25.72
N LEU A 604 -5.49 -11.40 26.29
CA LEU A 604 -4.87 -12.70 26.02
C LEU A 604 -5.72 -13.84 26.55
N LYS A 605 -6.26 -13.70 27.77
CA LYS A 605 -7.14 -14.73 28.30
C LYS A 605 -8.42 -14.86 27.49
N THR A 606 -8.82 -13.81 26.78
CA THR A 606 -9.99 -13.90 25.93
C THR A 606 -9.68 -14.65 24.64
N VAL A 607 -8.51 -14.41 24.05
CA VAL A 607 -8.16 -15.12 22.82
C VAL A 607 -7.97 -16.60 23.07
N TYR A 608 -7.41 -16.96 24.21
CA TYR A 608 -7.11 -18.35 24.59
C TYR A 608 -8.34 -19.14 24.96
N SER A 609 -9.54 -18.64 24.67
CA SER A 609 -10.75 -18.97 25.41
C SER A 609 -10.93 -20.45 25.75
N ASP A 610 -11.15 -21.29 24.74
CA ASP A 610 -11.32 -22.71 25.04
C ASP A 610 -10.73 -23.62 23.96
N VAL A 611 -9.74 -23.16 23.20
CA VAL A 611 -9.22 -23.96 22.10
C VAL A 611 -8.57 -25.23 22.64
N GLU A 612 -8.73 -26.32 21.90
CA GLU A 612 -8.39 -27.64 22.42
C GLU A 612 -6.88 -27.88 22.44
N ASN A 613 -6.24 -27.83 21.28
CA ASN A 613 -4.80 -27.99 21.19
C ASN A 613 -4.20 -26.68 20.73
N PRO A 614 -4.11 -25.68 21.62
CA PRO A 614 -3.90 -24.30 21.16
C PRO A 614 -2.46 -24.03 20.76
N HIS A 615 -2.30 -23.47 19.56
CA HIS A 615 -1.08 -22.81 19.13
C HIS A 615 -1.43 -21.36 18.81
N LEU A 616 -0.41 -20.50 18.79
CA LEU A 616 -0.60 -19.10 18.45
C LEU A 616 0.00 -18.83 17.08
N MET A 617 -0.52 -17.82 16.40
CA MET A 617 -0.14 -17.52 15.04
C MET A 617 -0.41 -16.05 14.75
N GLY A 618 0.42 -15.47 13.88
CA GLY A 618 0.25 -14.08 13.50
C GLY A 618 0.93 -13.82 12.18
N TRP A 619 0.29 -13.03 11.33
CA TRP A 619 0.77 -12.76 9.98
C TRP A 619 0.79 -11.26 9.75
N ASP A 620 1.25 -10.88 8.56
CA ASP A 620 1.27 -9.48 8.16
C ASP A 620 0.68 -9.35 6.76
N TYR A 621 0.34 -8.12 6.40
CA TYR A 621 -0.14 -7.81 5.07
C TYR A 621 0.87 -6.91 4.37
N PRO A 622 1.58 -7.39 3.36
CA PRO A 622 2.56 -6.53 2.67
C PRO A 622 1.84 -5.44 1.89
N LYS A 623 2.23 -4.19 2.14
CA LYS A 623 1.65 -3.02 1.48
C LYS A 623 0.13 -3.02 1.62
N CYS A 624 -0.32 -3.12 2.87
CA CYS A 624 -1.75 -3.31 3.12
C CYS A 624 -2.57 -2.10 2.70
N ASP A 625 -2.05 -0.89 2.96
CA ASP A 625 -2.82 0.31 2.63
C ASP A 625 -2.81 0.61 1.14
N ARG A 626 -1.78 0.16 0.42
CA ARG A 626 -1.68 0.43 -1.01
C ARG A 626 -2.31 -0.65 -1.86
N ALA A 627 -2.21 -1.91 -1.46
CA ALA A 627 -2.60 -3.04 -2.30
C ALA A 627 -3.98 -3.59 -1.98
N MET A 628 -4.70 -2.99 -1.04
CA MET A 628 -6.01 -3.50 -0.65
C MET A 628 -7.01 -3.31 -1.78
N PRO A 629 -7.54 -4.40 -2.36
CA PRO A 629 -8.44 -4.25 -3.52
C PRO A 629 -9.70 -3.48 -3.17
N ASN A 630 -10.29 -2.88 -4.20
CA ASN A 630 -11.46 -2.03 -4.00
C ASN A 630 -12.71 -2.82 -3.65
N MET A 631 -12.80 -4.08 -4.09
CA MET A 631 -13.95 -4.89 -3.74
C MET A 631 -14.03 -5.14 -2.24
N LEU A 632 -12.87 -5.38 -1.60
CA LEU A 632 -12.87 -5.61 -0.17
C LEU A 632 -13.13 -4.32 0.61
N ARG A 633 -12.70 -3.18 0.09
CA ARG A 633 -13.04 -1.91 0.73
C ARG A 633 -14.53 -1.63 0.63
N ILE A 634 -15.14 -1.93 -0.52
CA ILE A 634 -16.58 -1.77 -0.66
C ILE A 634 -17.31 -2.72 0.28
N MET A 635 -16.80 -3.94 0.43
CA MET A 635 -17.40 -4.90 1.35
C MET A 635 -17.32 -4.40 2.79
N ALA A 636 -16.19 -3.81 3.17
CA ALA A 636 -16.05 -3.28 4.52
C ALA A 636 -17.03 -2.13 4.75
N SER A 637 -17.12 -1.22 3.78
CA SER A 637 -18.09 -0.12 3.89
C SER A 637 -19.51 -0.66 4.01
N LEU A 638 -19.81 -1.74 3.30
CA LEU A 638 -21.17 -2.28 3.33
C LEU A 638 -21.48 -2.93 4.67
N VAL A 639 -20.53 -3.68 5.24
CA VAL A 639 -20.81 -4.28 6.55
C VAL A 639 -20.82 -3.22 7.64
N LEU A 640 -20.15 -2.09 7.43
CA LEU A 640 -20.25 -1.00 8.41
C LEU A 640 -21.59 -0.30 8.30
N ALA A 641 -22.07 -0.07 7.09
CA ALA A 641 -23.36 0.57 6.88
C ALA A 641 -24.54 -0.36 7.08
N ARG A 642 -24.29 -1.66 7.29
CA ARG A 642 -25.37 -2.59 7.58
C ARG A 642 -26.08 -2.28 8.90
N LYS A 643 -25.55 -1.37 9.72
CA LYS A 643 -26.20 -0.98 10.95
C LYS A 643 -27.34 0.00 10.74
N HIS A 644 -27.45 0.58 9.54
CA HIS A 644 -28.48 1.58 9.25
C HIS A 644 -29.66 0.93 8.52
N THR A 645 -30.33 0.01 9.19
CA THR A 645 -31.48 -0.69 8.61
C THR A 645 -32.80 -0.09 9.03
N THR A 646 -32.80 0.94 9.88
CA THR A 646 -34.05 1.52 10.35
C THR A 646 -34.09 3.02 10.05
N CYS A 647 -32.92 3.64 9.90
CA CYS A 647 -32.84 5.08 9.72
C CYS A 647 -32.63 5.52 8.28
N CYS A 648 -32.13 4.63 7.41
CA CYS A 648 -31.91 4.96 6.01
C CYS A 648 -32.60 3.94 5.12
N SER A 649 -33.00 4.39 3.93
CA SER A 649 -33.58 3.51 2.92
C SER A 649 -32.46 2.96 2.06
N LEU A 650 -32.82 2.30 0.95
CA LEU A 650 -31.82 1.75 0.05
C LEU A 650 -31.08 2.86 -0.69
N SER A 651 -31.80 3.89 -1.13
CA SER A 651 -31.17 4.97 -1.88
C SER A 651 -30.22 5.76 -0.99
N HIS A 652 -30.64 6.06 0.24
CA HIS A 652 -29.77 6.78 1.16
C HIS A 652 -28.49 6.02 1.40
N ARG A 653 -28.58 4.72 1.64
CA ARG A 653 -27.39 3.93 1.92
C ARG A 653 -26.51 3.80 0.69
N PHE A 654 -27.10 3.71 -0.50
CA PHE A 654 -26.27 3.66 -1.69
C PHE A 654 -25.55 4.98 -1.91
N TYR A 655 -26.22 6.10 -1.67
CA TYR A 655 -25.54 7.38 -1.90
C TYR A 655 -24.49 7.64 -0.83
N ARG A 656 -24.69 7.11 0.38
CA ARG A 656 -23.63 7.19 1.37
C ARG A 656 -22.44 6.31 0.98
N LEU A 657 -22.70 5.15 0.39
CA LEU A 657 -21.62 4.31 -0.13
C LEU A 657 -20.87 5.01 -1.26
N ALA A 658 -21.61 5.66 -2.15
CA ALA A 658 -20.98 6.38 -3.25
C ALA A 658 -20.14 7.54 -2.75
N ASN A 659 -20.62 8.27 -1.74
CA ASN A 659 -19.82 9.33 -1.14
C ASN A 659 -18.56 8.77 -0.50
N GLU A 660 -18.71 7.67 0.25
CA GLU A 660 -17.54 7.03 0.85
C GLU A 660 -16.51 6.66 -0.21
N CYS A 661 -16.95 6.05 -1.31
CA CYS A 661 -16.03 5.70 -2.38
C CYS A 661 -15.36 6.94 -2.96
N ALA A 662 -16.16 7.89 -3.44
CA ALA A 662 -15.64 9.09 -4.08
C ALA A 662 -14.72 9.90 -3.18
N GLN A 663 -14.83 9.77 -1.86
CA GLN A 663 -14.05 10.59 -0.96
C GLN A 663 -12.88 9.86 -0.31
N VAL A 664 -12.92 8.53 -0.19
CA VAL A 664 -11.90 7.83 0.58
C VAL A 664 -11.22 6.77 -0.27
N LEU A 665 -11.94 6.22 -1.25
CA LEU A 665 -11.41 5.10 -2.03
C LEU A 665 -10.66 5.56 -3.27
N SER A 666 -11.28 6.40 -4.08
CA SER A 666 -10.72 6.83 -5.36
C SER A 666 -10.85 8.33 -5.52
N GLU A 667 -10.50 9.08 -4.47
CA GLU A 667 -10.62 10.52 -4.50
C GLU A 667 -9.44 11.12 -5.27
N MET A 668 -9.40 12.45 -5.36
CA MET A 668 -8.31 13.16 -5.99
C MET A 668 -7.32 13.57 -4.92
N VAL A 669 -6.07 13.17 -5.07
CA VAL A 669 -5.01 13.41 -4.10
C VAL A 669 -4.23 14.65 -4.52
N MET A 670 -4.04 15.57 -3.59
CA MET A 670 -3.23 16.76 -3.83
C MET A 670 -1.87 16.53 -3.21
N CYS A 671 -0.91 16.09 -4.02
CA CYS A 671 0.45 15.81 -3.58
C CYS A 671 1.33 16.93 -4.13
N GLY A 672 1.76 17.81 -3.27
CA GLY A 672 2.50 18.99 -3.69
C GLY A 672 1.54 20.12 -4.06
N GLY A 673 1.59 20.56 -5.31
CA GLY A 673 0.63 21.53 -5.80
C GLY A 673 -0.10 21.01 -7.02
N SER A 674 -0.33 19.70 -7.05
CA SER A 674 -0.90 19.05 -8.22
C SER A 674 -1.90 18.01 -7.77
N LEU A 675 -2.91 17.78 -8.60
CA LEU A 675 -3.96 16.80 -8.34
C LEU A 675 -3.66 15.51 -9.08
N TYR A 676 -3.74 14.39 -8.37
CA TYR A 676 -3.61 13.08 -8.95
C TYR A 676 -4.85 12.26 -8.62
N VAL A 677 -5.05 11.18 -9.35
CA VAL A 677 -6.14 10.25 -9.10
C VAL A 677 -5.58 9.08 -8.31
N LYS A 678 -6.19 8.78 -7.18
CA LYS A 678 -5.78 7.65 -6.37
C LYS A 678 -6.52 6.41 -6.82
N PRO A 679 -5.82 5.31 -7.16
CA PRO A 679 -6.53 4.13 -7.65
C PRO A 679 -7.35 3.44 -6.58
N GLY A 680 -6.81 3.29 -5.38
CA GLY A 680 -7.54 2.63 -4.32
C GLY A 680 -6.71 2.58 -3.07
N GLY A 681 -7.19 1.81 -2.10
CA GLY A 681 -6.54 1.70 -0.81
C GLY A 681 -7.29 2.43 0.28
N THR A 682 -6.65 2.51 1.43
CA THR A 682 -7.23 3.16 2.60
C THR A 682 -6.66 4.56 2.77
N SER A 683 -7.49 5.45 3.30
CA SER A 683 -7.07 6.82 3.57
C SER A 683 -6.59 6.94 5.00
N SER A 684 -5.35 7.57 5.31
CA SER A 684 -4.78 7.71 6.66
C SER A 684 -5.65 8.60 7.54
N GLY A 685 -6.19 9.80 6.88
CA GLY A 685 -6.91 10.76 7.69
C GLY A 685 -8.39 10.52 7.78
N ASP A 686 -8.82 9.30 7.49
CA ASP A 686 -10.22 8.92 7.63
C ASP A 686 -10.45 8.33 9.02
N ALA A 687 -11.64 8.56 9.56
CA ALA A 687 -11.92 8.10 10.93
C ALA A 687 -12.19 6.61 10.97
N THR A 688 -12.76 6.05 9.90
CA THR A 688 -13.20 4.66 9.88
C THR A 688 -12.20 3.72 9.23
N THR A 689 -10.95 4.16 9.03
CA THR A 689 -9.98 3.31 8.37
C THR A 689 -9.49 2.18 9.27
N ALA A 690 -9.33 2.43 10.56
CA ALA A 690 -8.89 1.38 11.47
C ALA A 690 -9.95 0.31 11.69
N TYR A 691 -11.21 0.63 11.40
CA TYR A 691 -12.30 -0.32 11.50
C TYR A 691 -12.58 -1.04 10.19
N ALA A 692 -12.44 -0.35 9.06
CA ALA A 692 -12.45 -1.04 7.78
C ALA A 692 -11.29 -2.01 7.68
N ASN A 693 -10.14 -1.69 8.25
CA ASN A 693 -9.03 -2.62 8.25
C ASN A 693 -9.34 -3.85 9.08
N SER A 694 -10.07 -3.69 10.19
CA SER A 694 -10.45 -4.84 10.98
C SER A 694 -11.43 -5.73 10.23
N VAL A 695 -12.40 -5.11 9.55
CA VAL A 695 -13.33 -5.88 8.72
C VAL A 695 -12.56 -6.66 7.66
N PHE A 696 -11.62 -6.00 6.99
CA PHE A 696 -10.86 -6.65 5.92
C PHE A 696 -10.00 -7.79 6.47
N ASN A 697 -9.46 -7.61 7.67
CA ASN A 697 -8.68 -8.66 8.32
C ASN A 697 -9.55 -9.88 8.60
N ILE A 698 -10.70 -9.68 9.23
CA ILE A 698 -11.60 -10.79 9.51
C ILE A 698 -12.05 -11.47 8.22
N CYS A 699 -12.26 -10.68 7.16
CA CYS A 699 -12.67 -11.24 5.88
C CYS A 699 -11.60 -12.15 5.31
N GLN A 700 -10.34 -11.70 5.31
CA GLN A 700 -9.27 -12.53 4.79
C GLN A 700 -9.08 -13.79 5.63
N ALA A 701 -9.28 -13.69 6.95
CA ALA A 701 -9.16 -14.87 7.80
C ALA A 701 -10.26 -15.89 7.49
N VAL A 702 -11.51 -15.43 7.37
CA VAL A 702 -12.59 -16.34 7.05
C VAL A 702 -12.40 -16.96 5.67
N THR A 703 -11.88 -16.18 4.72
CA THR A 703 -11.60 -16.71 3.40
C THR A 703 -10.53 -17.79 3.44
N ALA A 704 -9.45 -17.54 4.20
CA ALA A 704 -8.44 -18.56 4.36
C ALA A 704 -9.02 -19.83 4.98
N ASN A 705 -9.96 -19.67 5.91
CA ASN A 705 -10.55 -20.84 6.55
C ASN A 705 -11.41 -21.64 5.58
N VAL A 706 -12.24 -20.96 4.78
CA VAL A 706 -13.09 -21.71 3.85
C VAL A 706 -12.25 -22.34 2.75
N ASN A 707 -11.15 -21.69 2.34
CA ASN A 707 -10.27 -22.27 1.35
C ASN A 707 -9.50 -23.46 1.92
N ALA A 708 -9.18 -23.42 3.21
CA ALA A 708 -8.50 -24.53 3.85
C ALA A 708 -9.44 -25.72 4.01
N LEU A 709 -10.72 -25.46 4.30
CA LEU A 709 -11.65 -26.54 4.52
C LEU A 709 -12.14 -27.15 3.20
N LEU A 710 -12.27 -26.35 2.15
CA LEU A 710 -12.79 -26.87 0.89
C LEU A 710 -11.74 -27.54 0.02
N SER A 711 -10.46 -27.38 0.35
CA SER A 711 -9.39 -27.92 -0.48
C SER A 711 -8.74 -29.17 0.10
N THR A 712 -9.43 -29.88 0.98
CA THR A 712 -8.94 -31.13 1.53
C THR A 712 -9.76 -32.29 0.99
N ASP A 713 -9.12 -33.44 0.85
CA ASP A 713 -9.78 -34.64 0.37
C ASP A 713 -10.81 -35.09 1.40
N GLY A 714 -12.09 -34.87 1.10
CA GLY A 714 -13.14 -35.22 2.03
C GLY A 714 -13.21 -36.70 2.38
N ASN A 715 -12.59 -37.55 1.56
CA ASN A 715 -12.53 -38.97 1.86
C ASN A 715 -11.48 -39.30 2.90
N LYS A 716 -10.71 -38.32 3.36
CA LYS A 716 -9.69 -38.53 4.37
C LYS A 716 -10.02 -37.84 5.69
N ILE A 717 -11.11 -37.10 5.76
CA ILE A 717 -11.56 -36.50 7.01
C ILE A 717 -12.26 -37.56 7.83
N ALA A 718 -11.72 -37.85 9.03
CA ALA A 718 -12.26 -38.92 9.85
C ALA A 718 -13.52 -38.47 10.60
N ASP A 719 -13.56 -37.21 11.01
CA ASP A 719 -14.70 -36.69 11.76
C ASP A 719 -15.90 -36.56 10.84
N LYS A 720 -17.02 -37.18 11.22
CA LYS A 720 -18.23 -37.06 10.41
C LYS A 720 -18.80 -35.65 10.44
N TYR A 721 -18.70 -34.98 11.59
CA TYR A 721 -19.24 -33.62 11.69
C TYR A 721 -18.51 -32.68 10.76
N VAL A 722 -17.18 -32.75 10.71
CA VAL A 722 -16.43 -31.83 9.87
C VAL A 722 -16.62 -32.16 8.39
N ARG A 723 -16.75 -33.44 8.06
CA ARG A 723 -17.01 -33.81 6.67
C ARG A 723 -18.37 -33.27 6.21
N ASN A 724 -19.39 -33.41 7.05
CA ASN A 724 -20.70 -32.89 6.69
C ASN A 724 -20.70 -31.36 6.67
N LEU A 725 -19.92 -30.74 7.55
CA LEU A 725 -19.79 -29.29 7.53
C LEU A 725 -19.13 -28.81 6.24
N GLN A 726 -18.13 -29.54 5.75
CA GLN A 726 -17.49 -29.17 4.49
C GLN A 726 -18.46 -29.36 3.31
N HIS A 727 -19.21 -30.46 3.31
CA HIS A 727 -20.21 -30.68 2.27
C HIS A 727 -21.21 -29.53 2.25
N ARG A 728 -21.74 -29.16 3.42
CA ARG A 728 -22.72 -28.07 3.47
C ARG A 728 -22.07 -26.72 3.18
N LEU A 729 -20.79 -26.56 3.44
CA LEU A 729 -20.10 -25.33 3.11
C LEU A 729 -20.02 -25.15 1.59
N TYR A 730 -19.63 -26.20 0.88
CA TYR A 730 -19.66 -26.14 -0.58
C TYR A 730 -21.08 -25.87 -1.08
N GLU A 731 -22.05 -26.60 -0.53
CA GLU A 731 -23.44 -26.45 -0.95
C GLU A 731 -23.93 -25.02 -0.76
N CYS A 732 -23.51 -24.37 0.34
CA CYS A 732 -23.97 -23.02 0.62
C CYS A 732 -23.18 -21.98 -0.16
N LEU A 733 -21.96 -22.29 -0.59
CA LEU A 733 -21.23 -21.36 -1.45
C LEU A 733 -21.77 -21.39 -2.87
N TYR A 734 -21.72 -22.55 -3.52
CA TYR A 734 -21.91 -22.60 -4.97
C TYR A 734 -23.28 -23.08 -5.42
N ARG A 735 -24.00 -23.82 -4.60
CA ARG A 735 -25.43 -23.98 -4.73
C ARG A 735 -26.09 -22.98 -3.77
N ASN A 736 -27.40 -23.07 -3.60
CA ASN A 736 -28.10 -22.36 -2.52
C ASN A 736 -27.85 -20.85 -2.62
N ARG A 737 -28.42 -20.26 -3.68
CA ARG A 737 -28.24 -18.83 -3.93
C ARG A 737 -28.70 -17.96 -2.77
N ASP A 738 -29.64 -18.43 -1.96
CA ASP A 738 -30.14 -17.65 -0.83
C ASP A 738 -29.13 -17.68 0.32
N VAL A 739 -29.50 -17.14 1.47
CA VAL A 739 -28.65 -17.10 2.65
C VAL A 739 -29.19 -18.09 3.66
N ASP A 740 -28.35 -19.05 4.05
CA ASP A 740 -28.72 -20.05 5.05
C ASP A 740 -28.21 -19.56 6.39
N THR A 741 -29.09 -18.94 7.18
CA THR A 741 -28.67 -18.38 8.46
C THR A 741 -28.25 -19.46 9.45
N ASP A 742 -28.89 -20.63 9.38
CA ASP A 742 -28.52 -21.71 10.30
C ASP A 742 -27.08 -22.15 10.08
N PHE A 743 -26.71 -22.41 8.82
CA PHE A 743 -25.34 -22.83 8.57
C PHE A 743 -24.35 -21.69 8.78
N VAL A 744 -24.77 -20.44 8.58
CA VAL A 744 -23.87 -19.33 8.86
C VAL A 744 -23.55 -19.28 10.35
N ASN A 745 -24.58 -19.46 11.19
CA ASN A 745 -24.35 -19.55 12.63
C ASN A 745 -23.46 -20.74 12.98
N GLU A 746 -23.69 -21.87 12.30
CA GLU A 746 -22.91 -23.07 12.60
C GLU A 746 -21.44 -22.90 12.24
N PHE A 747 -21.15 -22.31 11.08
CA PHE A 747 -19.77 -22.08 10.67
C PHE A 747 -19.11 -21.02 11.56
N TYR A 748 -19.88 -20.01 11.98
CA TYR A 748 -19.35 -19.02 12.90
C TYR A 748 -18.98 -19.65 14.24
N ALA A 749 -19.82 -20.55 14.74
CA ALA A 749 -19.50 -21.27 15.96
C ALA A 749 -18.26 -22.15 15.78
N TYR A 750 -18.18 -22.84 14.64
CA TYR A 750 -17.00 -23.64 14.35
C TYR A 750 -15.73 -22.81 14.40
N LEU A 751 -15.73 -21.66 13.72
CA LEU A 751 -14.57 -20.79 13.74
C LEU A 751 -14.24 -20.34 15.15
N ARG A 752 -15.23 -19.83 15.89
CA ARG A 752 -14.94 -19.34 17.23
C ARG A 752 -14.42 -20.44 18.14
N LYS A 753 -14.80 -21.69 17.89
CA LYS A 753 -14.36 -22.76 18.78
C LYS A 753 -12.96 -23.24 18.40
N HIS A 754 -12.63 -23.26 17.11
CA HIS A 754 -11.37 -23.83 16.66
C HIS A 754 -10.41 -22.81 16.08
N PHE A 755 -10.83 -21.55 15.91
CA PHE A 755 -9.97 -20.53 15.31
C PHE A 755 -10.36 -19.20 15.96
N SER A 756 -9.69 -18.87 17.05
CA SER A 756 -10.03 -17.71 17.87
C SER A 756 -9.14 -16.55 17.49
N MET A 757 -9.73 -15.38 17.28
CA MET A 757 -9.02 -14.23 16.73
C MET A 757 -8.99 -13.07 17.72
N MET A 758 -8.00 -12.20 17.52
CA MET A 758 -7.88 -10.93 18.23
C MET A 758 -7.43 -9.92 17.19
N ILE A 759 -8.35 -9.07 16.73
CA ILE A 759 -8.15 -8.26 15.54
C ILE A 759 -8.04 -6.80 15.93
N LEU A 760 -7.10 -6.10 15.31
CA LEU A 760 -7.04 -4.65 15.30
C LEU A 760 -6.82 -4.25 13.84
N SER A 761 -6.51 -2.98 13.58
CA SER A 761 -6.29 -2.57 12.21
C SER A 761 -5.14 -3.35 11.59
N ASP A 762 -5.47 -4.26 10.67
CA ASP A 762 -4.55 -5.16 9.97
C ASP A 762 -3.48 -5.78 10.86
N ASP A 763 -3.81 -6.01 12.12
CA ASP A 763 -2.93 -6.69 13.06
C ASP A 763 -3.75 -7.72 13.81
N ALA A 764 -3.32 -8.97 13.79
CA ALA A 764 -4.11 -10.06 14.33
C ALA A 764 -3.23 -11.05 15.07
N VAL A 765 -3.83 -11.70 16.08
CA VAL A 765 -3.24 -12.83 16.78
C VAL A 765 -4.32 -13.89 16.87
N VAL A 766 -3.98 -15.12 16.52
CA VAL A 766 -4.95 -16.21 16.41
C VAL A 766 -4.52 -17.34 17.32
N CYS A 767 -5.47 -17.87 18.10
CA CYS A 767 -5.29 -19.10 18.86
C CYS A 767 -6.13 -20.17 18.19
N PHE A 768 -5.48 -21.12 17.54
CA PHE A 768 -6.17 -22.11 16.72
C PHE A 768 -5.89 -23.52 17.23
N ASN A 769 -6.80 -24.43 16.89
CA ASN A 769 -6.61 -25.85 17.15
C ASN A 769 -5.48 -26.37 16.27
N SER A 770 -4.38 -26.81 16.86
CA SER A 770 -3.24 -27.23 16.07
C SER A 770 -3.49 -28.55 15.35
N THR A 771 -4.29 -29.44 15.95
CA THR A 771 -4.58 -30.71 15.29
C THR A 771 -5.44 -30.50 14.05
N TYR A 772 -6.50 -29.69 14.17
CA TYR A 772 -7.35 -29.40 13.03
C TYR A 772 -6.56 -28.68 11.93
N ALA A 773 -5.62 -27.83 12.32
CA ALA A 773 -4.81 -27.13 11.34
C ALA A 773 -3.83 -28.08 10.64
N SER A 774 -3.27 -29.03 11.38
CA SER A 774 -2.36 -29.99 10.76
C SER A 774 -3.10 -30.97 9.88
N GLN A 775 -4.38 -31.20 10.15
CA GLN A 775 -5.21 -32.04 9.30
C GLN A 775 -5.86 -31.26 8.17
N GLY A 776 -5.74 -29.94 8.16
CA GLY A 776 -6.28 -29.11 7.10
C GLY A 776 -7.70 -28.65 7.30
N LEU A 777 -8.24 -28.72 8.52
CA LEU A 777 -9.62 -28.35 8.75
C LEU A 777 -9.80 -26.89 9.14
N VAL A 778 -8.74 -26.21 9.57
CA VAL A 778 -8.75 -24.77 9.77
C VAL A 778 -7.54 -24.17 9.06
N ALA A 779 -7.51 -22.86 8.98
CA ALA A 779 -6.50 -22.17 8.19
C ALA A 779 -5.12 -22.30 8.83
N SER A 780 -4.10 -22.35 7.98
CA SER A 780 -2.70 -22.34 8.37
C SER A 780 -2.04 -21.11 7.76
N ILE A 781 -0.71 -21.02 7.87
CA ILE A 781 -0.01 -19.89 7.30
C ILE A 781 0.04 -20.00 5.79
N LYS A 782 0.18 -21.21 5.25
CA LYS A 782 0.20 -21.39 3.81
C LYS A 782 -1.13 -20.99 3.18
N ASN A 783 -2.22 -21.19 3.91
CA ASN A 783 -3.53 -20.79 3.38
C ASN A 783 -3.65 -19.28 3.31
N PHE A 784 -3.11 -18.57 4.31
CA PHE A 784 -3.07 -17.12 4.24
C PHE A 784 -2.20 -16.65 3.09
N LYS A 785 -1.07 -17.33 2.87
CA LYS A 785 -0.20 -16.98 1.75
C LYS A 785 -0.96 -17.10 0.42
N SER A 786 -1.64 -18.23 0.22
CA SER A 786 -2.39 -18.45 -1.01
C SER A 786 -3.49 -17.40 -1.19
N VAL A 787 -4.26 -17.16 -0.12
CA VAL A 787 -5.37 -16.23 -0.19
C VAL A 787 -4.88 -14.82 -0.49
N LEU A 788 -3.81 -14.40 0.17
CA LEU A 788 -3.27 -13.06 -0.10
C LEU A 788 -2.74 -12.98 -1.53
N TYR A 789 -2.14 -14.04 -2.03
CA TYR A 789 -1.63 -14.03 -3.41
C TYR A 789 -2.76 -13.83 -4.41
N TYR A 790 -3.84 -14.59 -4.28
CA TYR A 790 -4.86 -14.53 -5.32
C TYR A 790 -5.98 -13.52 -5.04
N GLN A 791 -6.01 -12.90 -3.87
CA GLN A 791 -7.06 -11.95 -3.54
C GLN A 791 -6.54 -10.58 -3.10
N ASN A 792 -5.23 -10.41 -2.99
CA ASN A 792 -4.64 -9.16 -2.54
C ASN A 792 -3.48 -8.70 -3.40
N ASN A 793 -3.02 -9.52 -4.34
CA ASN A 793 -1.95 -9.17 -5.27
C ASN A 793 -0.64 -8.89 -4.54
N VAL A 794 -0.40 -9.58 -3.43
CA VAL A 794 0.84 -9.48 -2.69
C VAL A 794 1.31 -10.89 -2.36
N PHE A 795 2.60 -11.01 -2.08
CA PHE A 795 3.19 -12.28 -1.66
C PHE A 795 3.59 -12.15 -0.20
N MET A 796 2.93 -12.91 0.66
CA MET A 796 3.20 -12.88 2.10
C MET A 796 4.36 -13.82 2.40
N SER A 797 5.48 -13.25 2.82
CA SER A 797 6.66 -14.05 3.11
C SER A 797 6.52 -14.71 4.48
N GLU A 798 6.79 -16.01 4.54
CA GLU A 798 6.67 -16.74 5.80
C GLU A 798 7.68 -16.27 6.84
N ALA A 799 8.67 -15.46 6.46
CA ALA A 799 9.61 -14.89 7.41
C ALA A 799 9.06 -13.66 8.12
N LYS A 800 7.85 -13.22 7.77
CA LYS A 800 7.18 -12.14 8.47
C LYS A 800 6.07 -12.65 9.38
N CYS A 801 5.72 -13.92 9.29
CA CYS A 801 4.72 -14.54 10.14
C CYS A 801 5.40 -15.45 11.15
N TRP A 802 4.81 -15.54 12.33
CA TRP A 802 5.36 -16.34 13.41
C TRP A 802 4.35 -17.39 13.85
N THR A 803 4.81 -18.29 14.71
CA THR A 803 3.97 -19.33 15.28
C THR A 803 4.53 -19.70 16.65
N GLU A 804 3.66 -19.77 17.64
CA GLU A 804 4.06 -20.05 19.02
C GLU A 804 3.36 -21.31 19.49
N THR A 805 4.15 -22.31 19.86
CA THR A 805 3.62 -23.60 20.29
C THR A 805 3.52 -23.73 21.81
N ASP A 806 3.73 -22.64 22.54
CA ASP A 806 3.63 -22.64 24.00
C ASP A 806 2.89 -21.39 24.41
N LEU A 807 1.76 -21.57 25.10
CA LEU A 807 0.90 -20.44 25.44
C LEU A 807 1.37 -19.69 26.68
N THR A 808 2.15 -20.33 27.56
CA THR A 808 2.74 -19.60 28.67
C THR A 808 3.65 -18.49 28.16
N LYS A 809 4.29 -18.71 27.01
CA LYS A 809 4.85 -17.63 26.23
C LYS A 809 3.71 -16.97 25.46
N GLY A 810 3.57 -15.65 25.58
CA GLY A 810 2.50 -14.97 24.91
C GLY A 810 2.71 -14.93 23.41
N PRO A 811 1.92 -14.11 22.72
CA PRO A 811 2.18 -13.87 21.30
C PRO A 811 3.58 -13.31 21.10
N HIS A 812 4.20 -13.67 19.97
CA HIS A 812 5.52 -13.16 19.68
C HIS A 812 5.53 -11.65 19.59
N GLU A 813 4.54 -11.08 18.90
CA GLU A 813 4.43 -9.63 18.81
C GLU A 813 3.00 -9.27 18.45
N PHE A 814 2.40 -8.34 19.20
CA PHE A 814 1.09 -7.79 18.88
C PHE A 814 1.15 -6.29 19.16
N CYS A 815 0.93 -5.49 18.12
CA CYS A 815 1.03 -4.04 18.23
C CYS A 815 2.42 -3.61 18.70
N SER A 816 3.45 -4.24 18.13
CA SER A 816 4.85 -3.97 18.41
C SER A 816 5.23 -4.24 19.86
N GLN A 817 4.38 -4.94 20.61
CA GLN A 817 4.63 -5.27 22.00
C GLN A 817 4.89 -6.77 22.14
N HIS A 818 5.86 -7.11 22.98
CA HIS A 818 6.12 -8.50 23.34
C HIS A 818 5.39 -8.84 24.63
N THR A 819 5.30 -10.13 24.91
CA THR A 819 4.57 -10.62 26.06
C THR A 819 5.52 -11.38 26.99
N MET A 820 5.17 -11.40 28.27
CA MET A 820 6.03 -12.00 29.27
C MET A 820 5.20 -12.34 30.50
N LEU A 821 5.17 -13.62 30.86
CA LEU A 821 4.39 -14.09 32.00
C LEU A 821 5.12 -13.70 33.29
N VAL A 822 4.57 -12.72 34.01
CA VAL A 822 5.19 -12.15 35.19
C VAL A 822 4.37 -12.54 36.42
N LYS A 823 5.05 -12.83 37.52
CA LYS A 823 4.38 -13.06 38.79
C LYS A 823 4.12 -11.71 39.45
N GLN A 824 2.84 -11.40 39.67
CA GLN A 824 2.42 -10.12 40.22
C GLN A 824 1.46 -10.39 41.37
N GLY A 825 2.02 -10.55 42.57
CA GLY A 825 1.22 -10.78 43.76
C GLY A 825 0.43 -12.07 43.73
N ASP A 826 1.14 -13.20 43.75
CA ASP A 826 0.60 -14.56 43.80
C ASP A 826 -0.11 -14.97 42.52
N ASP A 827 -0.25 -14.08 41.54
CA ASP A 827 -0.88 -14.41 40.27
C ASP A 827 0.12 -14.16 39.14
N TYR A 828 0.04 -14.99 38.10
CA TYR A 828 0.89 -14.87 36.93
C TYR A 828 0.10 -14.17 35.84
N VAL A 829 0.58 -13.01 35.41
CA VAL A 829 -0.10 -12.16 34.44
C VAL A 829 0.79 -11.98 33.22
N TYR A 830 0.19 -11.51 32.14
CA TYR A 830 0.90 -11.23 30.90
C TYR A 830 1.11 -9.73 30.80
N LEU A 831 2.37 -9.30 30.85
CA LEU A 831 2.65 -7.88 30.74
C LEU A 831 3.30 -7.58 29.40
N PRO A 832 2.91 -6.48 28.74
CA PRO A 832 3.53 -6.14 27.46
C PRO A 832 4.76 -5.29 27.62
N TYR A 833 5.88 -5.69 27.01
CA TYR A 833 7.04 -4.83 27.07
C TYR A 833 7.48 -4.43 25.67
N PRO A 834 8.02 -3.23 25.50
CA PRO A 834 8.39 -2.77 24.16
C PRO A 834 9.80 -3.16 23.77
N ASP A 835 10.23 -2.71 22.60
CA ASP A 835 11.62 -2.86 22.19
C ASP A 835 12.45 -1.82 22.93
N PRO A 836 13.44 -2.22 23.72
CA PRO A 836 14.24 -1.23 24.47
C PRO A 836 14.89 -0.19 23.59
N SER A 837 15.24 -0.55 22.35
CA SER A 837 15.82 0.42 21.43
C SER A 837 14.81 1.50 21.08
N ARG A 838 13.51 1.17 21.05
CA ARG A 838 12.50 2.18 20.77
C ARG A 838 12.42 3.21 21.89
N ILE A 839 12.42 2.75 23.15
CA ILE A 839 12.36 3.66 24.27
C ILE A 839 13.62 4.51 24.35
N LEU A 840 14.79 3.89 24.16
CA LEU A 840 16.03 4.65 24.21
C LEU A 840 16.11 5.66 23.07
N GLY A 841 15.61 5.31 21.89
CA GLY A 841 15.64 6.25 20.78
C GLY A 841 14.64 7.38 20.97
N ALA A 842 13.49 7.09 21.57
CA ALA A 842 12.56 8.16 21.92
C ALA A 842 13.16 9.09 22.96
N GLY A 843 14.00 8.57 23.83
CA GLY A 843 14.65 9.42 24.82
C GLY A 843 15.80 10.24 24.25
N CYS A 844 16.52 9.67 23.28
CA CYS A 844 17.75 10.29 22.79
C CYS A 844 17.53 11.25 21.63
N PHE A 845 16.53 11.01 20.78
CA PHE A 845 16.28 11.83 19.61
C PHE A 845 14.89 12.43 19.71
N VAL A 846 14.82 13.76 19.69
CA VAL A 846 13.56 14.49 19.82
C VAL A 846 13.29 15.22 18.51
N ASP A 847 12.04 15.63 18.34
CA ASP A 847 11.59 16.26 17.10
C ASP A 847 11.39 17.77 17.24
N ASP A 848 11.94 18.36 18.30
CA ASP A 848 11.81 19.79 18.52
C ASP A 848 12.89 20.19 19.51
N ILE A 849 13.47 21.38 19.30
CA ILE A 849 14.75 21.68 19.94
C ILE A 849 14.60 21.88 21.45
N VAL A 850 13.47 22.43 21.92
CA VAL A 850 13.35 22.68 23.35
C VAL A 850 13.05 21.41 24.12
N LYS A 851 12.78 20.30 23.43
CA LYS A 851 12.62 19.02 24.09
C LYS A 851 13.96 18.45 24.57
N THR A 852 15.07 19.12 24.25
CA THR A 852 16.40 18.68 24.67
C THR A 852 16.81 19.29 26.00
N ASP A 853 16.08 20.29 26.50
CA ASP A 853 16.47 20.93 27.75
C ASP A 853 16.36 19.97 28.94
N GLY A 854 15.44 19.01 28.87
CA GLY A 854 15.31 18.05 29.94
C GLY A 854 14.44 18.54 31.08
N THR A 855 14.89 19.59 31.77
CA THR A 855 14.14 20.11 32.91
C THR A 855 12.77 20.62 32.50
N LEU A 856 12.58 20.93 31.21
CA LEU A 856 11.28 21.38 30.72
C LEU A 856 10.36 20.22 30.37
N MET A 857 10.89 19.00 30.30
CA MET A 857 10.18 17.86 29.73
C MET A 857 10.33 16.64 30.64
N ILE A 858 10.07 16.82 31.93
CA ILE A 858 10.14 15.68 32.84
C ILE A 858 8.97 14.74 32.62
N GLU A 859 7.81 15.28 32.24
CA GLU A 859 6.65 14.43 31.97
C GLU A 859 6.88 13.51 30.78
N ARG A 860 7.73 13.91 29.87
CA ARG A 860 8.11 13.15 28.70
C ARG A 860 8.86 11.94 29.09
N PHE A 861 9.73 12.05 30.07
CA PHE A 861 10.45 10.90 30.60
C PHE A 861 9.59 10.07 31.53
N VAL A 862 8.63 10.69 32.22
CA VAL A 862 7.71 9.91 33.04
C VAL A 862 6.85 8.99 32.19
N SER A 863 6.37 9.49 31.05
CA SER A 863 5.60 8.65 30.15
C SER A 863 6.46 7.55 29.54
N LEU A 864 7.71 7.88 29.18
CA LEU A 864 8.60 6.86 28.64
C LEU A 864 8.90 5.78 29.67
N ALA A 865 9.03 6.16 30.95
CA ALA A 865 9.24 5.17 31.99
C ALA A 865 8.00 4.33 32.24
N ILE A 866 6.81 4.93 32.14
CA ILE A 866 5.59 4.15 32.19
C ILE A 866 5.59 3.09 31.11
N ASP A 867 6.01 3.45 29.89
CA ASP A 867 6.05 2.48 28.81
C ASP A 867 7.15 1.44 29.00
N ALA A 868 8.24 1.79 29.67
CA ALA A 868 9.40 0.92 29.80
C ALA A 868 9.44 0.15 31.12
N TYR A 869 8.42 0.30 31.97
CA TYR A 869 8.43 -0.43 33.24
C TYR A 869 8.50 -1.95 33.09
N PRO A 870 7.67 -2.61 32.27
CA PRO A 870 7.67 -4.09 32.27
C PRO A 870 9.01 -4.70 31.92
N LEU A 871 9.95 -3.93 31.37
CA LEU A 871 11.29 -4.44 31.11
C LEU A 871 12.01 -4.83 32.40
N THR A 872 11.58 -4.31 33.55
CA THR A 872 12.24 -4.63 34.80
C THR A 872 12.02 -6.07 35.22
N LYS A 873 11.08 -6.78 34.60
CA LYS A 873 10.82 -8.19 34.87
C LYS A 873 11.47 -9.11 33.85
N HIS A 874 12.16 -8.56 32.86
CA HIS A 874 12.77 -9.36 31.81
C HIS A 874 13.98 -10.12 32.36
N PRO A 875 14.22 -11.34 31.85
CA PRO A 875 15.41 -12.08 32.29
C PRO A 875 16.72 -11.42 31.89
N ASN A 876 16.73 -10.64 30.81
CA ASN A 876 17.93 -9.91 30.42
C ASN A 876 18.13 -8.72 31.36
N GLN A 877 19.40 -8.43 31.66
CA GLN A 877 19.69 -7.40 32.65
C GLN A 877 19.71 -6.00 32.06
N GLU A 878 20.19 -5.84 30.82
CA GLU A 878 20.18 -4.54 30.19
C GLU A 878 18.77 -3.99 30.04
N TYR A 879 17.80 -4.89 29.85
CA TYR A 879 16.41 -4.46 29.68
C TYR A 879 15.89 -3.79 30.95
N ALA A 880 16.20 -4.35 32.13
CA ALA A 880 15.81 -3.70 33.37
C ALA A 880 16.66 -2.45 33.64
N ASP A 881 17.92 -2.48 33.21
CA ASP A 881 18.76 -1.31 33.36
C ASP A 881 18.19 -0.12 32.60
N VAL A 882 17.45 -0.38 31.51
CA VAL A 882 16.78 0.72 30.80
C VAL A 882 15.83 1.47 31.73
N PHE A 883 14.95 0.74 32.41
CA PHE A 883 13.97 1.38 33.30
C PHE A 883 14.67 2.08 34.46
N HIS A 884 15.68 1.43 35.04
CA HIS A 884 16.40 2.07 36.14
C HIS A 884 17.11 3.34 35.68
N LEU A 885 17.64 3.32 34.46
CA LEU A 885 18.25 4.51 33.87
C LEU A 885 17.25 5.63 33.75
N TYR A 886 16.03 5.32 33.28
CA TYR A 886 15.02 6.36 33.13
C TYR A 886 14.66 6.99 34.47
N LEU A 887 14.50 6.16 35.51
CA LEU A 887 14.19 6.72 36.83
C LEU A 887 15.34 7.57 37.36
N GLN A 888 16.58 7.13 37.16
CA GLN A 888 17.70 7.93 37.64
C GLN A 888 17.79 9.25 36.90
N TYR A 889 17.47 9.25 35.60
CA TYR A 889 17.50 10.50 34.85
C TYR A 889 16.38 11.42 35.30
N ILE A 890 15.20 10.88 35.62
CA ILE A 890 14.13 11.72 36.13
C ILE A 890 14.55 12.37 37.45
N ARG A 891 15.21 11.60 38.32
CA ARG A 891 15.70 12.17 39.58
C ARG A 891 16.69 13.29 39.33
N LYS A 892 17.66 13.05 38.44
CA LYS A 892 18.66 14.08 38.16
C LYS A 892 18.02 15.33 37.57
N LEU A 893 17.04 15.14 36.67
CA LEU A 893 16.36 16.26 36.07
C LEU A 893 15.65 17.10 37.12
N HIS A 894 14.96 16.46 38.05
CA HIS A 894 14.28 17.23 39.09
C HIS A 894 15.28 17.94 39.99
N ASP A 895 16.40 17.27 40.30
CA ASP A 895 17.41 17.90 41.15
C ASP A 895 17.98 19.16 40.51
N GLU A 896 18.31 19.10 39.22
CA GLU A 896 18.88 20.28 38.58
C GLU A 896 17.82 21.33 38.27
N LEU A 897 16.57 20.95 38.05
CA LEU A 897 15.50 21.93 37.97
C LEU A 897 15.38 22.71 39.27
N THR A 898 15.43 22.01 40.40
CA THR A 898 15.41 22.69 41.69
C THR A 898 16.63 23.59 41.86
N GLY A 899 17.81 23.08 41.51
CA GLY A 899 19.02 23.89 41.62
C GLY A 899 18.99 25.15 40.77
N HIS A 900 18.28 25.11 39.65
CA HIS A 900 18.16 26.30 38.82
C HIS A 900 17.08 27.24 39.35
N MET A 901 15.93 26.71 39.75
CA MET A 901 14.87 27.53 40.31
C MET A 901 15.31 28.27 41.57
N LEU A 902 16.19 27.65 42.35
CA LEU A 902 16.67 28.33 43.55
C LEU A 902 17.72 29.39 43.23
N ASP A 903 18.34 29.30 42.04
CA ASP A 903 19.42 30.21 41.68
C ASP A 903 18.95 31.45 40.96
N MET A 904 18.29 31.30 39.81
CA MET A 904 17.85 32.46 39.05
C MET A 904 16.71 33.21 39.72
N TYR A 905 15.93 32.56 40.58
CA TYR A 905 14.93 33.24 41.38
C TYR A 905 15.34 33.13 42.84
N SER A 906 14.56 33.79 43.71
CA SER A 906 14.92 33.84 45.13
C SER A 906 14.95 32.45 45.73
N VAL A 907 13.80 31.78 45.80
CA VAL A 907 13.71 30.45 46.39
C VAL A 907 12.38 29.83 45.96
N MET A 908 12.33 28.50 45.92
CA MET A 908 11.11 27.78 45.58
C MET A 908 11.06 26.47 46.35
N LEU A 909 9.84 25.93 46.46
CA LEU A 909 9.62 24.65 47.12
C LEU A 909 8.94 23.68 46.18
N ASP A 912 7.30 19.43 44.87
CA ASP A 912 6.58 19.04 46.08
C ASP A 912 6.13 17.59 46.00
N ASN A 913 5.44 17.25 44.92
CA ASN A 913 4.88 15.92 44.72
C ASN A 913 5.60 15.20 43.58
N THR A 914 6.93 15.36 43.53
CA THR A 914 7.74 14.77 42.47
C THR A 914 8.45 13.51 42.89
N SER A 915 8.62 13.27 44.19
CA SER A 915 9.32 12.09 44.67
C SER A 915 8.63 10.79 44.28
N ARG A 916 7.37 10.85 43.86
CA ARG A 916 6.63 9.67 43.41
C ARG A 916 7.03 9.19 42.04
N TYR A 917 7.97 9.87 41.38
CA TYR A 917 8.47 9.46 40.08
C TYR A 917 9.86 8.87 40.16
N TRP A 918 10.52 8.94 41.30
CA TRP A 918 11.84 8.36 41.50
C TRP A 918 11.76 6.91 41.95
N GLU A 919 10.55 6.42 42.23
CA GLU A 919 10.31 5.11 42.82
C GLU A 919 9.34 4.32 41.96
N PRO A 920 9.49 3.00 41.91
CA PRO A 920 8.74 2.20 40.94
C PRO A 920 7.31 1.86 41.33
N GLU A 921 6.81 2.35 42.47
CA GLU A 921 5.45 2.02 42.88
C GLU A 921 4.42 2.62 41.93
N PHE A 922 4.70 3.83 41.44
CA PHE A 922 3.79 4.51 40.51
C PHE A 922 3.61 3.70 39.22
N TYR A 923 4.72 3.44 38.53
CA TYR A 923 4.66 2.69 37.29
C TYR A 923 4.20 1.26 37.50
N GLU A 924 4.49 0.68 38.67
CA GLU A 924 4.02 -0.67 38.96
C GLU A 924 2.51 -0.72 39.11
N ALA A 925 1.95 0.21 39.88
CA ALA A 925 0.50 0.31 40.00
C ALA A 925 -0.16 0.65 38.68
N MET A 926 0.58 1.24 37.74
CA MET A 926 0.02 1.46 36.41
C MET A 926 -0.29 0.17 35.66
N TYR A 927 0.17 -0.99 36.16
CA TYR A 927 0.01 -2.25 35.43
C TYR A 927 -0.78 -3.30 36.19
N THR A 928 -1.47 -2.92 37.26
CA THR A 928 -2.30 -3.85 38.02
C THR A 928 -3.77 -3.43 37.91
N PRO A 929 -4.70 -4.37 38.06
CA PRO A 929 -6.12 -3.99 38.05
C PRO A 929 -6.43 -3.04 39.20
N HIS A 930 -7.46 -2.22 38.99
CA HIS A 930 -7.70 -1.06 39.85
C HIS A 930 -7.88 -1.49 41.31
N THR A 931 -8.93 -2.24 41.59
CA THR A 931 -9.20 -2.68 42.96
C THR A 931 -10.12 -3.89 42.98
N SER B 78 -18.80 33.47 15.68
CA SER B 78 -19.88 32.58 15.31
C SER B 78 -20.75 33.21 14.23
N GLU B 79 -20.96 34.53 14.36
CA GLU B 79 -21.73 35.26 13.36
C GLU B 79 -20.88 36.21 12.52
N ASP B 80 -19.67 36.53 12.98
CA ASP B 80 -18.73 37.35 12.22
C ASP B 80 -17.73 36.51 11.45
N LYS B 81 -17.34 35.36 12.00
CA LYS B 81 -16.50 34.45 11.23
C LYS B 81 -17.27 33.84 10.07
N ARG B 82 -18.57 33.65 10.23
CA ARG B 82 -19.38 33.07 9.16
C ARG B 82 -19.39 33.97 7.93
N ALA B 83 -19.66 35.27 8.13
CA ALA B 83 -19.67 36.19 6.99
C ALA B 83 -18.29 36.31 6.36
N LYS B 84 -17.25 36.30 7.18
CA LYS B 84 -15.89 36.40 6.65
C LYS B 84 -15.56 35.21 5.77
N VAL B 85 -15.83 34.00 6.25
CA VAL B 85 -15.51 32.82 5.46
C VAL B 85 -16.43 32.70 4.25
N THR B 86 -17.66 33.21 4.36
CA THR B 86 -18.54 33.25 3.19
C THR B 86 -17.95 34.13 2.10
N SER B 87 -17.55 35.35 2.46
CA SER B 87 -16.94 36.25 1.50
C SER B 87 -15.67 35.65 0.91
N ALA B 88 -14.86 35.00 1.75
CA ALA B 88 -13.62 34.41 1.26
C ALA B 88 -13.89 33.29 0.26
N MET B 89 -14.83 32.41 0.58
CA MET B 89 -15.13 31.29 -0.31
C MET B 89 -15.71 31.78 -1.63
N GLN B 90 -16.62 32.75 -1.57
CA GLN B 90 -17.23 33.21 -2.82
C GLN B 90 -16.25 34.06 -3.63
N THR B 91 -15.30 34.73 -2.97
CA THR B 91 -14.25 35.41 -3.70
C THR B 91 -13.33 34.42 -4.39
N MET B 92 -12.97 33.32 -3.72
CA MET B 92 -12.17 32.30 -4.38
C MET B 92 -12.90 31.72 -5.58
N LEU B 93 -14.20 31.46 -5.44
CA LEU B 93 -14.96 30.90 -6.55
C LEU B 93 -15.03 31.87 -7.72
N PHE B 94 -15.41 33.12 -7.47
CA PHE B 94 -15.50 34.11 -8.53
C PHE B 94 -14.14 34.51 -9.08
N THR B 95 -13.05 34.17 -8.39
CA THR B 95 -11.72 34.39 -8.94
C THR B 95 -11.33 33.26 -9.89
N MET B 96 -11.36 32.02 -9.41
CA MET B 96 -11.03 30.90 -10.28
C MET B 96 -12.06 30.68 -11.36
N LEU B 97 -13.18 31.40 -11.34
CA LEU B 97 -14.17 31.31 -12.40
C LEU B 97 -13.75 32.13 -13.62
N ARG B 98 -13.12 33.28 -13.39
CA ARG B 98 -12.72 34.13 -14.51
C ARG B 98 -11.53 33.56 -15.26
N LYS B 99 -10.71 32.75 -14.58
CA LYS B 99 -9.62 32.05 -15.26
C LYS B 99 -10.12 30.86 -16.07
N LEU B 100 -11.39 30.54 -16.01
CA LEU B 100 -11.94 29.31 -16.56
C LEU B 100 -12.82 29.54 -17.78
N ASP B 101 -13.84 30.39 -17.67
CA ASP B 101 -14.80 30.56 -18.75
C ASP B 101 -14.12 31.14 -19.99
N ASN B 102 -14.30 30.46 -21.11
CA ASN B 102 -13.73 30.87 -22.39
C ASN B 102 -14.43 30.06 -23.48
N ASP B 103 -13.93 30.17 -24.72
CA ASP B 103 -14.55 29.48 -25.84
C ASP B 103 -14.22 28.00 -25.88
N ALA B 104 -13.08 27.60 -25.32
CA ALA B 104 -12.72 26.18 -25.34
C ALA B 104 -13.69 25.34 -24.53
N LEU B 105 -13.98 25.77 -23.30
CA LEU B 105 -14.90 25.02 -22.45
C LEU B 105 -16.31 25.04 -23.02
N ASN B 106 -16.77 26.22 -23.45
CA ASN B 106 -18.11 26.33 -24.03
C ASN B 106 -18.22 25.50 -25.30
N ASN B 107 -17.09 25.25 -25.97
CA ASN B 107 -17.14 24.50 -27.22
C ASN B 107 -17.06 23.00 -26.98
N ILE B 108 -16.39 22.57 -25.91
CA ILE B 108 -16.34 21.14 -25.62
C ILE B 108 -17.57 20.67 -24.86
N ILE B 109 -18.24 21.54 -24.11
CA ILE B 109 -19.45 21.11 -23.42
C ILE B 109 -20.64 21.08 -24.36
N ASN B 110 -20.70 22.03 -25.31
CA ASN B 110 -21.81 22.06 -26.24
C ASN B 110 -21.76 20.94 -27.27
N ASN B 111 -20.71 20.12 -27.28
CA ASN B 111 -20.65 18.95 -28.13
C ASN B 111 -21.13 17.69 -27.42
N ALA B 112 -21.22 17.70 -26.10
CA ALA B 112 -21.73 16.55 -25.36
C ALA B 112 -23.23 16.44 -25.55
N ARG B 113 -23.73 15.20 -25.54
CA ARG B 113 -25.15 14.96 -25.81
C ARG B 113 -26.05 15.52 -24.72
N ASP B 114 -25.57 15.59 -23.47
CA ASP B 114 -26.41 16.07 -22.39
C ASP B 114 -25.68 17.07 -21.49
N GLY B 115 -24.74 17.83 -22.03
CA GLY B 115 -24.03 18.85 -21.26
C GLY B 115 -23.12 18.33 -20.18
N CYS B 116 -22.97 17.01 -20.05
CA CYS B 116 -22.20 16.41 -18.97
C CYS B 116 -20.95 15.76 -19.55
N VAL B 117 -19.80 16.13 -19.02
CA VAL B 117 -18.52 15.61 -19.49
C VAL B 117 -17.69 15.16 -18.29
N PRO B 118 -16.77 14.22 -18.44
CA PRO B 118 -15.87 13.88 -17.33
C PRO B 118 -14.96 15.05 -16.98
N LEU B 119 -14.52 15.08 -15.72
CA LEU B 119 -13.61 16.14 -15.30
C LEU B 119 -12.21 15.94 -15.83
N ASN B 120 -11.78 14.69 -16.02
CA ASN B 120 -10.41 14.40 -16.44
C ASN B 120 -10.10 14.93 -17.84
N ILE B 121 -11.10 15.41 -18.58
CA ILE B 121 -10.86 15.90 -19.94
C ILE B 121 -11.00 17.41 -20.05
N ILE B 122 -11.27 18.11 -18.96
CA ILE B 122 -11.40 19.56 -19.01
C ILE B 122 -10.01 20.19 -19.14
N PRO B 123 -9.02 19.84 -18.29
CA PRO B 123 -7.68 20.37 -18.55
C PRO B 123 -7.02 19.75 -19.75
N LEU B 124 -7.33 18.49 -20.06
CA LEU B 124 -6.72 17.83 -21.21
C LEU B 124 -7.09 18.50 -22.52
N THR B 125 -8.23 19.19 -22.58
CA THR B 125 -8.75 19.74 -23.82
C THR B 125 -8.84 21.25 -23.84
N THR B 126 -8.99 21.91 -22.68
CA THR B 126 -9.19 23.35 -22.66
C THR B 126 -8.03 24.13 -22.05
N ALA B 127 -7.20 23.50 -21.22
CA ALA B 127 -6.12 24.21 -20.56
C ALA B 127 -5.15 24.78 -21.58
N ALA B 128 -4.66 25.99 -21.32
CA ALA B 128 -3.78 26.70 -22.23
C ALA B 128 -2.33 26.70 -21.75
N LYS B 129 -1.99 25.85 -20.80
CA LYS B 129 -0.63 25.76 -20.31
C LYS B 129 -0.37 24.36 -19.79
N LEU B 130 0.77 23.79 -20.14
CA LEU B 130 1.15 22.44 -19.76
C LEU B 130 2.41 22.48 -18.91
N MET B 131 2.43 21.67 -17.85
CA MET B 131 3.60 21.54 -17.00
C MET B 131 4.04 20.09 -17.02
N VAL B 132 5.27 19.85 -17.49
CA VAL B 132 5.82 18.51 -17.59
C VAL B 132 6.95 18.39 -16.58
N VAL B 133 6.90 17.34 -15.76
CA VAL B 133 7.93 17.06 -14.76
C VAL B 133 8.70 15.83 -15.22
N ILE B 134 9.99 16.00 -15.48
CA ILE B 134 10.81 14.99 -16.14
C ILE B 134 11.93 14.57 -15.21
N PRO B 135 12.00 13.30 -14.80
CA PRO B 135 13.00 12.89 -13.81
C PRO B 135 14.40 12.67 -14.38
N ASP B 136 14.49 12.11 -15.59
CA ASP B 136 15.75 11.69 -16.18
C ASP B 136 16.01 12.49 -17.45
N TYR B 137 17.15 12.20 -18.10
CA TYR B 137 17.40 12.80 -19.40
C TYR B 137 16.81 11.96 -20.53
N ASN B 138 16.71 10.65 -20.35
CA ASN B 138 16.05 9.82 -21.36
C ASN B 138 14.59 10.19 -21.49
N THR B 139 13.91 10.45 -20.37
CA THR B 139 12.52 10.87 -20.43
C THR B 139 12.38 12.21 -21.12
N TYR B 140 13.29 13.14 -20.86
CA TYR B 140 13.25 14.42 -21.57
C TYR B 140 13.45 14.23 -23.07
N LYS B 141 14.45 13.43 -23.45
CA LYS B 141 14.70 13.18 -24.87
C LYS B 141 13.50 12.53 -25.54
N ASN B 142 12.78 11.67 -24.83
CA ASN B 142 11.65 10.96 -25.41
C ASN B 142 10.35 11.75 -25.36
N THR B 143 10.25 12.79 -24.55
CA THR B 143 8.98 13.48 -24.35
C THR B 143 8.98 14.90 -24.91
N CYS B 144 9.90 15.76 -24.46
CA CYS B 144 9.84 17.18 -24.78
C CYS B 144 11.07 17.66 -25.55
N ASP B 145 11.61 16.82 -26.42
CA ASP B 145 12.80 17.21 -27.18
C ASP B 145 12.42 18.28 -28.20
N GLY B 146 13.22 19.35 -28.25
CA GLY B 146 12.97 20.47 -29.14
C GLY B 146 12.36 21.64 -28.41
N THR B 147 11.83 22.58 -29.20
CA THR B 147 11.08 23.70 -28.67
C THR B 147 9.58 23.52 -28.82
N THR B 148 9.14 22.55 -29.62
CA THR B 148 7.73 22.21 -29.74
C THR B 148 7.60 20.70 -29.73
N PHE B 149 6.70 20.17 -28.90
CA PHE B 149 6.43 18.75 -28.85
C PHE B 149 4.93 18.53 -28.94
N THR B 150 4.54 17.26 -28.92
CA THR B 150 3.15 16.86 -29.12
C THR B 150 2.69 16.02 -27.94
N TYR B 151 1.56 16.41 -27.35
CA TYR B 151 0.97 15.65 -26.26
C TYR B 151 -0.52 15.93 -26.24
N ALA B 152 -1.30 14.87 -25.99
CA ALA B 152 -2.75 14.95 -25.90
C ALA B 152 -3.36 15.55 -27.17
N SER B 153 -2.80 15.16 -28.31
CA SER B 153 -3.31 15.58 -29.62
C SER B 153 -3.26 17.10 -29.78
N ALA B 154 -2.11 17.68 -29.49
CA ALA B 154 -1.92 19.12 -29.63
C ALA B 154 -0.44 19.42 -29.70
N LEU B 155 -0.11 20.60 -30.23
CA LEU B 155 1.26 21.09 -30.27
C LEU B 155 1.47 22.10 -29.15
N TRP B 156 2.53 21.92 -28.38
CA TRP B 156 2.87 22.80 -27.28
C TRP B 156 4.19 23.50 -27.57
N GLU B 157 4.30 24.76 -27.16
CA GLU B 157 5.50 25.56 -27.39
C GLU B 157 6.23 25.74 -26.06
N ILE B 158 7.44 25.17 -25.98
CA ILE B 158 8.18 25.19 -24.73
C ILE B 158 8.64 26.60 -24.40
N GLN B 159 8.47 26.98 -23.14
CA GLN B 159 9.02 28.23 -22.62
C GLN B 159 9.26 28.05 -21.14
N GLN B 160 10.35 28.63 -20.64
CA GLN B 160 10.60 28.66 -19.20
C GLN B 160 10.66 27.25 -18.61
N VAL B 161 11.68 26.50 -19.02
CA VAL B 161 12.01 25.25 -18.36
C VAL B 161 12.94 25.55 -17.20
N VAL B 162 12.62 25.00 -16.02
CA VAL B 162 13.38 25.24 -14.80
C VAL B 162 13.74 23.89 -14.17
N ASP B 163 14.58 23.94 -13.15
CA ASP B 163 15.04 22.76 -12.44
C ASP B 163 14.37 22.67 -11.07
N ALA B 164 14.81 21.70 -10.27
CA ALA B 164 14.21 21.49 -8.96
C ALA B 164 14.46 22.66 -8.01
N ASP B 165 15.46 23.48 -8.28
CA ASP B 165 15.73 24.66 -7.47
C ASP B 165 14.96 25.89 -7.96
N SER B 166 14.05 25.71 -8.91
CA SER B 166 13.28 26.80 -9.51
C SER B 166 14.19 27.81 -10.22
N LYS B 167 15.29 27.33 -10.77
CA LYS B 167 16.22 28.18 -11.51
C LYS B 167 16.04 27.95 -13.00
N ILE B 168 16.10 29.03 -13.78
CA ILE B 168 15.91 28.94 -15.21
C ILE B 168 17.03 28.10 -15.83
N VAL B 169 16.63 27.17 -16.70
CA VAL B 169 17.55 26.31 -17.43
C VAL B 169 17.36 26.61 -18.91
N GLN B 170 18.47 26.70 -19.64
CA GLN B 170 18.39 26.95 -21.07
C GLN B 170 18.35 25.63 -21.83
N LEU B 171 17.72 25.67 -23.02
CA LEU B 171 17.57 24.46 -23.81
C LEU B 171 18.90 23.89 -24.27
N SER B 172 19.93 24.75 -24.41
CA SER B 172 21.25 24.30 -24.83
C SER B 172 21.99 23.51 -23.75
N GLU B 173 21.55 23.60 -22.50
CA GLU B 173 22.22 22.92 -21.40
C GLU B 173 21.69 21.53 -21.11
N ILE B 174 20.55 21.16 -21.68
CA ILE B 174 19.96 19.84 -21.44
C ILE B 174 20.58 18.89 -22.47
N SER B 175 21.75 18.37 -22.14
CA SER B 175 22.49 17.47 -23.00
C SER B 175 22.77 16.16 -22.26
N MET B 176 23.33 15.20 -22.97
CA MET B 176 23.64 13.91 -22.36
C MET B 176 24.84 14.02 -21.45
N ASP B 177 25.81 14.86 -21.81
CA ASP B 177 27.01 15.01 -20.99
C ASP B 177 26.86 16.13 -19.97
N ASN B 178 25.98 17.09 -20.22
CA ASN B 178 25.67 18.16 -19.29
C ASN B 178 24.51 17.79 -18.36
N SER B 179 24.12 16.52 -18.34
CA SER B 179 22.98 16.07 -17.56
C SER B 179 23.29 15.97 -16.07
N PRO B 180 24.45 15.44 -15.65
CA PRO B 180 24.76 15.39 -14.22
C PRO B 180 25.05 16.75 -13.60
N ASN B 181 25.16 17.82 -14.39
CA ASN B 181 25.51 19.13 -13.85
C ASN B 181 24.30 19.95 -13.44
N LEU B 182 23.08 19.44 -13.64
CA LEU B 182 21.87 20.18 -13.35
C LEU B 182 20.94 19.37 -12.46
N ALA B 183 20.10 20.08 -11.72
CA ALA B 183 19.23 19.44 -10.74
C ALA B 183 17.97 18.90 -11.39
N TRP B 184 17.65 17.64 -11.08
CA TRP B 184 16.46 16.98 -11.56
C TRP B 184 15.44 16.85 -10.44
N PRO B 185 14.13 16.83 -10.76
CA PRO B 185 13.52 16.88 -12.09
C PRO B 185 13.46 18.28 -12.68
N LEU B 186 13.36 18.36 -14.01
CA LEU B 186 13.13 19.61 -14.69
C LEU B 186 11.65 19.78 -14.96
N ILE B 187 11.14 21.00 -14.73
CA ILE B 187 9.74 21.30 -14.91
C ILE B 187 9.61 22.17 -16.15
N VAL B 188 9.07 21.59 -17.22
CA VAL B 188 8.90 22.27 -18.50
C VAL B 188 7.51 22.89 -18.54
N THR B 189 7.44 24.16 -18.92
CA THR B 189 6.18 24.86 -19.11
C THR B 189 5.98 25.10 -20.61
N ALA B 190 4.78 24.83 -21.09
CA ALA B 190 4.47 24.99 -22.50
C ALA B 190 3.09 25.60 -22.66
N LEU B 191 2.92 26.36 -23.74
CA LEU B 191 1.64 26.95 -24.11
C LEU B 191 1.11 26.25 -25.35
N ARG B 192 -0.19 25.99 -25.38
CA ARG B 192 -0.82 25.34 -26.52
C ARG B 192 -0.65 26.20 -27.77
N ALA B 193 -0.27 25.57 -28.87
CA ALA B 193 -0.04 26.27 -30.12
C ALA B 193 -1.33 26.31 -30.95
N ASN B 194 -1.53 27.41 -31.66
CA ASN B 194 -2.72 27.58 -32.48
C ASN B 194 -2.47 27.21 -33.93
N PRO C 2 31.91 3.78 26.05
CA PRO C 2 30.81 3.42 25.15
C PRO C 2 31.28 2.60 23.96
N SER C 3 30.75 2.91 22.78
CA SER C 3 31.07 2.19 21.56
C SER C 3 31.55 3.20 20.52
N LYS C 4 31.71 2.74 19.29
CA LYS C 4 32.07 3.61 18.18
C LYS C 4 30.97 3.75 17.14
N MET C 5 30.07 2.76 17.00
CA MET C 5 28.99 2.87 16.04
C MET C 5 27.95 3.89 16.49
N SER C 6 27.54 3.81 17.76
CA SER C 6 26.56 4.77 18.27
C SER C 6 27.11 6.19 18.24
N ASP C 7 28.40 6.36 18.54
CA ASP C 7 29.00 7.69 18.51
C ASP C 7 28.93 8.29 17.11
N VAL C 8 29.27 7.52 16.08
CA VAL C 8 29.25 8.08 14.75
C VAL C 8 27.82 8.27 14.26
N LYS C 9 26.87 7.48 14.75
CA LYS C 9 25.49 7.70 14.35
C LYS C 9 24.95 9.01 14.93
N CYS C 10 25.21 9.25 16.22
CA CYS C 10 24.83 10.54 16.82
C CYS C 10 25.55 11.69 16.13
N THR C 11 26.83 11.52 15.79
CA THR C 11 27.56 12.58 15.13
C THR C 11 27.04 12.85 13.73
N SER C 12 26.56 11.82 13.03
CA SER C 12 25.96 12.05 11.72
C SER C 12 24.64 12.79 11.84
N VAL C 13 23.85 12.46 12.88
CA VAL C 13 22.62 13.22 13.13
C VAL C 13 22.95 14.69 13.35
N VAL C 14 23.97 14.97 14.15
CA VAL C 14 24.33 16.37 14.42
C VAL C 14 24.89 17.05 13.18
N LEU C 15 25.67 16.32 12.36
CA LEU C 15 26.13 16.87 11.09
C LEU C 15 24.96 17.29 10.21
N LEU C 16 23.98 16.41 10.05
CA LEU C 16 22.87 16.77 9.18
C LEU C 16 22.06 17.92 9.76
N SER C 17 21.96 18.02 11.08
CA SER C 17 21.30 19.17 11.69
C SER C 17 22.04 20.46 11.36
N VAL C 18 23.36 20.44 11.53
CA VAL C 18 24.16 21.63 11.23
C VAL C 18 24.05 22.00 9.76
N LEU C 19 24.00 21.01 8.88
CA LEU C 19 23.92 21.28 7.45
C LEU C 19 22.55 21.80 7.06
N GLN C 20 21.50 21.35 7.75
CA GLN C 20 20.17 21.89 7.49
C GLN C 20 20.07 23.32 7.99
N GLN C 21 20.73 23.63 9.10
CA GLN C 21 20.74 25.02 9.56
C GLN C 21 21.48 25.93 8.61
N LEU C 22 22.49 25.41 7.91
CA LEU C 22 23.25 26.20 6.94
C LEU C 22 22.55 26.32 5.59
N ARG C 23 21.28 25.92 5.50
CA ARG C 23 20.48 26.03 4.28
C ARG C 23 21.13 25.26 3.13
N VAL C 24 21.21 23.95 3.31
CA VAL C 24 21.66 23.08 2.24
C VAL C 24 20.46 22.53 1.45
N GLU C 25 19.27 22.51 2.05
CA GLU C 25 18.05 22.14 1.34
C GLU C 25 17.78 23.02 0.14
N SER C 26 18.46 24.16 0.01
CA SER C 26 18.35 25.02 -1.15
C SER C 26 19.17 24.51 -2.33
N SER C 27 19.76 23.33 -2.21
CA SER C 27 20.45 22.66 -3.30
C SER C 27 19.93 21.22 -3.36
N SER C 28 19.16 20.91 -4.40
CA SER C 28 18.53 19.60 -4.48
C SER C 28 19.56 18.49 -4.58
N LYS C 29 20.57 18.67 -5.44
CA LYS C 29 21.61 17.66 -5.59
C LYS C 29 22.37 17.45 -4.28
N LEU C 30 22.85 18.54 -3.69
CA LEU C 30 23.64 18.44 -2.47
C LEU C 30 22.82 17.88 -1.32
N TRP C 31 21.59 18.34 -1.16
CA TRP C 31 20.76 17.82 -0.07
C TRP C 31 20.43 16.35 -0.28
N ALA C 32 20.22 15.93 -1.52
CA ALA C 32 19.96 14.52 -1.78
C ALA C 32 21.17 13.68 -1.41
N GLN C 33 22.38 14.15 -1.76
CA GLN C 33 23.59 13.41 -1.41
C GLN C 33 23.77 13.34 0.10
N CYS C 34 23.54 14.45 0.79
CA CYS C 34 23.69 14.46 2.25
C CYS C 34 22.67 13.55 2.92
N VAL C 35 21.43 13.59 2.46
CA VAL C 35 20.40 12.71 3.01
C VAL C 35 20.77 11.25 2.79
N GLN C 36 21.29 10.92 1.61
CA GLN C 36 21.66 9.53 1.35
C GLN C 36 22.80 9.09 2.27
N LEU C 37 23.82 9.94 2.44
CA LEU C 37 24.91 9.59 3.34
C LEU C 37 24.43 9.42 4.77
N HIS C 38 23.56 10.32 5.22
CA HIS C 38 23.02 10.25 6.58
C HIS C 38 22.23 8.96 6.79
N ASN C 39 21.29 8.68 5.89
CA ASN C 39 20.46 7.49 6.03
C ASN C 39 21.28 6.21 5.88
N ASP C 40 22.40 6.28 5.17
CA ASP C 40 23.25 5.10 5.05
C ASP C 40 24.14 4.91 6.27
N ILE C 41 24.50 6.01 6.95
CA ILE C 41 25.21 5.88 8.21
C ILE C 41 24.30 5.30 9.27
N LEU C 42 23.05 5.74 9.30
CA LEU C 42 22.14 5.29 10.36
C LEU C 42 21.81 3.81 10.24
N LEU C 43 21.91 3.24 9.05
CA LEU C 43 21.57 1.84 8.82
C LEU C 43 22.78 0.92 8.76
N ALA C 44 24.00 1.46 8.82
CA ALA C 44 25.18 0.64 8.70
C ALA C 44 25.37 -0.23 9.92
N LYS C 45 26.03 -1.38 9.71
CA LYS C 45 26.36 -2.30 10.78
C LYS C 45 27.85 -2.37 11.10
N ASP C 46 28.71 -2.16 10.12
CA ASP C 46 30.16 -2.15 10.34
C ASP C 46 30.66 -0.73 10.45
N THR C 47 31.64 -0.53 11.33
CA THR C 47 32.17 0.80 11.63
C THR C 47 33.34 1.16 10.74
N THR C 48 33.41 0.59 9.54
CA THR C 48 34.43 0.92 8.57
C THR C 48 33.89 1.78 7.43
N GLU C 49 32.74 1.43 6.87
CA GLU C 49 32.14 2.25 5.82
C GLU C 49 31.39 3.44 6.43
N ALA C 50 30.91 3.29 7.66
CA ALA C 50 30.26 4.41 8.33
C ALA C 50 31.22 5.58 8.49
N PHE C 51 32.48 5.30 8.81
CA PHE C 51 33.47 6.38 8.89
C PHE C 51 33.77 6.97 7.52
N GLU C 52 33.64 6.17 6.45
CA GLU C 52 33.83 6.72 5.11
C GLU C 52 32.71 7.69 4.75
N LYS C 53 31.46 7.30 5.03
CA LYS C 53 30.36 8.22 4.79
C LYS C 53 30.42 9.43 5.70
N MET C 54 30.97 9.26 6.92
CA MET C 54 31.19 10.41 7.79
C MET C 54 32.24 11.34 7.18
N VAL C 55 33.27 10.77 6.57
CA VAL C 55 34.27 11.59 5.86
C VAL C 55 33.60 12.39 4.76
N SER C 56 32.73 11.75 3.98
CA SER C 56 32.06 12.46 2.89
C SER C 56 31.17 13.58 3.42
N LEU C 57 30.39 13.31 4.47
CA LEU C 57 29.49 14.32 5.01
C LEU C 57 30.26 15.48 5.63
N LEU C 58 31.33 15.18 6.36
CA LEU C 58 32.15 16.25 6.92
C LEU C 58 32.82 17.05 5.80
N SER C 59 33.19 16.41 4.70
CA SER C 59 33.70 17.15 3.55
C SER C 59 32.66 18.10 3.01
N VAL C 60 31.40 17.65 2.93
CA VAL C 60 30.31 18.53 2.53
C VAL C 60 30.27 19.75 3.44
N LEU C 61 30.35 19.53 4.75
CA LEU C 61 30.28 20.65 5.69
C LEU C 61 31.46 21.60 5.54
N LEU C 62 32.66 21.05 5.30
CA LEU C 62 33.86 21.86 5.30
C LEU C 62 34.09 22.60 3.98
N SER C 63 33.54 22.10 2.88
CA SER C 63 33.75 22.76 1.59
C SER C 63 33.00 24.08 1.48
N MET C 64 32.22 24.45 2.49
CA MET C 64 31.54 25.74 2.51
C MET C 64 32.45 26.77 3.16
N GLN C 65 31.97 28.00 3.28
CA GLN C 65 32.69 29.09 3.92
C GLN C 65 31.81 29.77 4.96
N GLY C 66 30.72 29.11 5.35
CA GLY C 66 29.83 29.64 6.35
C GLY C 66 30.30 29.39 7.76
N ALA C 67 30.44 28.12 8.13
CA ALA C 67 30.88 27.76 9.48
C ALA C 67 32.38 27.96 9.63
N VAL C 68 32.78 28.82 10.56
CA VAL C 68 34.20 29.04 10.81
C VAL C 68 34.78 27.78 11.44
N ASP C 69 36.02 27.45 11.10
CA ASP C 69 36.60 26.18 11.51
C ASP C 69 37.80 26.34 12.43
N ILE C 70 38.27 27.56 12.63
CA ILE C 70 39.42 27.81 13.49
C ILE C 70 39.00 28.08 14.93
N ASN C 71 37.96 28.89 15.12
CA ASN C 71 37.44 29.11 16.46
C ASN C 71 36.76 27.87 17.00
N LYS C 72 36.10 27.10 16.13
CA LYS C 72 35.48 25.85 16.56
C LYS C 72 36.51 24.83 16.99
N LEU C 73 37.60 24.71 16.23
CA LEU C 73 38.65 23.75 16.57
C LEU C 73 39.31 24.10 17.90
N CYS C 74 39.56 25.37 18.15
CA CYS C 74 40.18 25.80 19.39
C CYS C 74 39.13 26.04 20.47
N ALA D 55 -5.81 31.01 55.70
CA ALA D 55 -6.10 29.58 55.76
C ALA D 55 -5.79 28.92 54.42
N ALA D 56 -6.82 28.30 53.82
CA ALA D 56 -6.63 27.63 52.54
C ALA D 56 -6.39 28.63 51.41
N MET D 57 -6.89 29.86 51.56
CA MET D 57 -6.73 30.85 50.51
C MET D 57 -5.26 31.26 50.36
N GLN D 58 -4.52 31.31 51.46
CA GLN D 58 -3.10 31.64 51.37
C GLN D 58 -2.32 30.54 50.67
N ARG D 59 -2.62 29.28 50.99
CA ARG D 59 -1.98 28.17 50.29
C ARG D 59 -2.34 28.17 48.81
N LYS D 60 -3.59 28.52 48.48
CA LYS D 60 -3.97 28.60 47.08
C LYS D 60 -3.23 29.71 46.35
N LEU D 61 -3.07 30.86 46.99
CA LEU D 61 -2.30 31.95 46.38
C LEU D 61 -0.83 31.56 46.23
N GLU D 62 -0.29 30.81 47.20
CA GLU D 62 1.09 30.35 47.10
C GLU D 62 1.27 29.38 45.94
N LYS D 63 0.33 28.44 45.79
CA LYS D 63 0.40 27.52 44.66
C LYS D 63 0.24 28.27 43.34
N MET D 64 -0.59 29.31 43.32
CA MET D 64 -0.74 30.11 42.12
C MET D 64 0.55 30.84 41.76
N ALA D 65 1.22 31.42 42.75
CA ALA D 65 2.50 32.08 42.50
C ALA D 65 3.54 31.07 42.00
N ASP D 66 3.55 29.87 42.58
CA ASP D 66 4.52 28.87 42.15
C ASP D 66 4.27 28.43 40.72
N GLN D 67 3.00 28.17 40.38
CA GLN D 67 2.70 27.74 39.02
C GLN D 67 2.83 28.86 38.00
N ALA D 68 2.77 30.12 38.44
CA ALA D 68 3.06 31.24 37.56
C ALA D 68 4.55 31.48 37.39
N MET D 69 5.37 31.06 38.36
CA MET D 69 6.81 31.23 38.23
C MET D 69 7.44 30.08 37.44
N THR D 70 6.98 28.86 37.65
CA THR D 70 7.49 27.72 36.88
C THR D 70 7.01 27.72 35.43
N GLN D 71 6.19 28.68 35.03
CA GLN D 71 5.89 28.86 33.61
C GLN D 71 6.75 29.94 32.97
N MET D 72 7.03 31.03 33.68
CA MET D 72 7.94 32.03 33.16
C MET D 72 9.37 31.48 33.09
N TYR D 73 9.73 30.58 34.01
CA TYR D 73 11.03 29.92 33.90
C TYR D 73 11.11 29.07 32.64
N LYS D 74 10.07 28.29 32.37
CA LYS D 74 10.06 27.46 31.17
C LYS D 74 10.09 28.32 29.92
N GLN D 75 9.35 29.43 29.93
CA GLN D 75 9.38 30.34 28.78
C GLN D 75 10.76 30.92 28.56
N ALA D 76 11.43 31.35 29.63
CA ALA D 76 12.78 31.90 29.50
C ALA D 76 13.75 30.87 28.95
N ARG D 77 13.70 29.64 29.47
CA ARG D 77 14.63 28.62 29.01
C ARG D 77 14.34 28.23 27.56
N SER D 78 13.06 28.17 27.18
CA SER D 78 12.72 27.84 25.81
C SER D 78 13.19 28.91 24.86
N GLU D 79 12.99 30.18 25.21
CA GLU D 79 13.50 31.27 24.38
C GLU D 79 15.01 31.22 24.28
N ASP D 80 15.69 30.89 25.39
CA ASP D 80 17.15 30.83 25.37
C ASP D 80 17.65 29.73 24.45
N LYS D 81 17.01 28.56 24.48
CA LYS D 81 17.43 27.48 23.58
C LYS D 81 17.09 27.82 22.13
N ARG D 82 15.94 28.44 21.89
CA ARG D 82 15.61 28.84 20.53
C ARG D 82 16.61 29.84 19.97
N ALA D 83 17.08 30.76 20.81
CA ALA D 83 18.01 31.78 20.33
C ALA D 83 19.42 31.24 20.15
N LYS D 84 19.93 30.51 21.15
CA LYS D 84 21.31 30.06 21.14
C LYS D 84 21.57 28.91 20.19
N VAL D 85 20.54 28.38 19.51
CA VAL D 85 20.77 27.34 18.51
C VAL D 85 21.54 27.95 17.34
N THR D 86 22.09 27.07 16.49
CA THR D 86 22.95 27.27 15.31
C THR D 86 24.37 27.64 15.74
N SER D 87 24.62 27.86 17.02
CA SER D 87 25.95 28.08 17.55
C SER D 87 26.32 27.11 18.65
N ALA D 88 25.33 26.60 19.38
CA ALA D 88 25.59 25.51 20.32
C ALA D 88 25.63 24.18 19.58
N MET D 89 24.91 24.06 18.47
CA MET D 89 24.93 22.82 17.70
C MET D 89 26.28 22.62 17.02
N GLN D 90 26.90 23.69 16.53
CA GLN D 90 28.22 23.56 15.92
C GLN D 90 29.28 23.22 16.94
N THR D 91 29.22 23.84 18.12
CA THR D 91 30.15 23.50 19.19
C THR D 91 29.96 22.05 19.62
N MET D 92 28.70 21.61 19.76
CA MET D 92 28.45 20.21 20.09
C MET D 92 28.99 19.27 19.03
N LEU D 93 28.80 19.62 17.76
CA LEU D 93 29.28 18.78 16.66
C LEU D 93 30.80 18.62 16.72
N PHE D 94 31.52 19.73 16.88
CA PHE D 94 32.97 19.61 16.91
C PHE D 94 33.47 18.96 18.19
N THR D 95 32.74 19.13 19.29
CA THR D 95 33.07 18.43 20.53
C THR D 95 33.00 16.92 20.32
N MET D 96 31.90 16.43 19.74
CA MET D 96 31.76 14.99 19.56
C MET D 96 32.46 14.48 18.30
N LEU D 97 33.01 15.37 17.49
CA LEU D 97 33.90 14.95 16.40
C LEU D 97 35.33 14.76 16.89
N ARG D 98 35.81 15.65 17.77
CA ARG D 98 37.11 15.43 18.37
C ARG D 98 37.11 14.22 19.29
N LYS D 99 35.93 13.78 19.73
CA LYS D 99 35.83 12.63 20.61
C LYS D 99 35.86 11.31 19.83
N LEU D 100 35.55 11.34 18.54
CA LEU D 100 35.64 10.13 17.74
C LEU D 100 37.09 9.68 17.57
N ASP D 101 37.99 10.64 17.32
CA ASP D 101 39.42 10.36 17.14
C ASP D 101 39.66 9.37 16.00
N ASN D 102 39.27 9.80 14.80
CA ASN D 102 39.51 9.05 13.58
C ASN D 102 40.60 9.73 12.77
N ASP D 103 41.61 8.96 12.35
CA ASP D 103 42.71 9.53 11.59
C ASP D 103 42.28 10.02 10.22
N ALA D 104 41.07 9.70 9.77
CA ALA D 104 40.52 10.23 8.53
C ALA D 104 39.81 11.55 8.73
N LEU D 105 39.01 11.66 9.80
CA LEU D 105 38.33 12.92 10.09
C LEU D 105 39.31 13.97 10.61
N ASN D 106 40.30 13.53 11.40
CA ASN D 106 41.22 14.50 12.02
C ASN D 106 42.11 15.15 10.97
N ASN D 107 42.55 14.39 9.97
CA ASN D 107 43.38 14.98 8.91
C ASN D 107 42.58 15.99 8.11
N ILE D 108 41.33 15.67 7.77
CA ILE D 108 40.46 16.61 7.09
C ILE D 108 40.27 17.88 7.91
N ILE D 109 40.02 17.72 9.21
CA ILE D 109 39.76 18.89 10.05
C ILE D 109 41.00 19.76 10.14
N ASN D 110 42.18 19.14 10.29
CA ASN D 110 43.41 19.92 10.36
C ASN D 110 43.68 20.65 9.05
N ASN D 111 43.52 19.96 7.92
CA ASN D 111 43.69 20.61 6.63
C ASN D 111 42.73 21.79 6.48
N ALA D 112 41.46 21.60 6.87
CA ALA D 112 40.48 22.67 6.70
C ALA D 112 40.77 23.85 7.61
N ARG D 113 41.25 23.61 8.83
CA ARG D 113 41.57 24.73 9.70
C ARG D 113 42.87 25.40 9.29
N ASP D 114 43.69 24.72 8.49
CA ASP D 114 44.86 25.37 7.92
C ASP D 114 44.61 25.95 6.53
N GLY D 115 43.68 25.40 5.76
CA GLY D 115 43.36 25.97 4.47
C GLY D 115 43.10 24.97 3.36
N CYS D 116 43.62 23.74 3.48
CA CYS D 116 43.45 22.72 2.45
C CYS D 116 42.03 22.18 2.52
N VAL D 117 41.12 22.92 1.90
CA VAL D 117 39.69 22.63 1.91
C VAL D 117 39.29 21.96 0.61
N PRO D 118 38.40 20.99 0.61
CA PRO D 118 37.91 20.43 -0.66
C PRO D 118 36.96 21.38 -1.35
N LEU D 119 36.69 21.08 -2.61
CA LEU D 119 35.71 21.82 -3.39
C LEU D 119 34.46 21.01 -3.70
N ASN D 120 34.51 19.69 -3.54
CA ASN D 120 33.37 18.83 -3.78
C ASN D 120 33.39 17.72 -2.74
N ILE D 121 32.30 16.95 -2.70
CA ILE D 121 32.20 15.85 -1.75
C ILE D 121 33.33 14.87 -2.00
N ILE D 122 34.01 14.48 -0.92
CA ILE D 122 35.10 13.51 -1.01
C ILE D 122 34.49 12.16 -1.41
N PRO D 123 34.91 11.59 -2.53
CA PRO D 123 34.30 10.33 -2.98
C PRO D 123 35.02 9.10 -2.43
N LEU D 124 34.26 8.07 -2.09
CA LEU D 124 34.81 6.86 -1.50
C LEU D 124 35.00 5.74 -2.52
N THR D 125 34.91 6.04 -3.81
CA THR D 125 35.10 5.05 -4.87
C THR D 125 36.49 5.19 -5.47
N THR D 126 37.07 4.04 -5.84
CA THR D 126 38.45 3.98 -6.32
C THR D 126 38.68 4.79 -7.59
N ALA D 127 37.68 4.98 -8.43
CA ALA D 127 37.86 5.63 -9.71
C ALA D 127 37.37 7.07 -9.76
N ALA D 128 36.80 7.58 -8.68
CA ALA D 128 36.21 8.92 -8.70
C ALA D 128 37.30 9.99 -8.61
N LYS D 129 36.87 11.25 -8.64
CA LYS D 129 37.75 12.40 -8.79
C LYS D 129 37.54 13.40 -7.66
N LEU D 130 38.63 14.02 -7.21
CA LEU D 130 38.62 14.93 -6.07
C LEU D 130 39.53 16.12 -6.36
N MET D 131 39.10 17.29 -5.89
CA MET D 131 39.92 18.51 -5.99
C MET D 131 39.86 19.27 -4.67
N VAL D 132 41.01 19.80 -4.25
CA VAL D 132 41.12 20.58 -3.03
C VAL D 132 41.82 21.90 -3.34
N VAL D 133 41.99 22.72 -2.31
CA VAL D 133 42.55 24.06 -2.45
C VAL D 133 43.80 24.16 -1.57
N ILE D 134 44.95 24.36 -2.18
CA ILE D 134 46.23 24.43 -1.46
C ILE D 134 46.62 25.90 -1.33
N PRO D 135 46.43 26.51 -0.15
CA PRO D 135 46.69 27.95 -0.06
C PRO D 135 48.16 28.33 0.09
N ASP D 136 48.95 27.50 0.75
CA ASP D 136 50.34 27.85 1.02
C ASP D 136 51.27 26.85 0.36
N TYR D 137 52.57 27.11 0.43
CA TYR D 137 53.58 26.20 -0.08
C TYR D 137 53.87 25.09 0.91
N ASN D 138 54.00 25.44 2.20
CA ASN D 138 54.25 24.43 3.22
C ASN D 138 53.11 23.44 3.31
N THR D 139 51.87 23.92 3.16
CA THR D 139 50.72 23.02 3.12
C THR D 139 50.76 22.08 1.92
N TYR D 140 51.58 22.38 0.92
CA TYR D 140 51.80 21.48 -0.21
C TYR D 140 53.05 20.62 -0.04
N LYS D 141 54.12 21.19 0.53
CA LYS D 141 55.37 20.45 0.66
C LYS D 141 55.22 19.23 1.54
N ASN D 142 54.36 19.29 2.56
CA ASN D 142 54.17 18.16 3.46
C ASN D 142 52.96 17.30 3.11
N THR D 143 52.00 17.85 2.36
CA THR D 143 50.82 17.08 1.99
C THR D 143 51.10 16.17 0.80
N CYS D 144 51.90 16.63 -0.15
CA CYS D 144 52.16 15.90 -1.38
C CYS D 144 53.65 15.73 -1.60
N ASP D 145 54.03 14.58 -2.18
CA ASP D 145 55.41 14.30 -2.55
C ASP D 145 55.40 13.63 -3.92
N GLY D 146 56.01 14.29 -4.90
CA GLY D 146 55.98 13.80 -6.27
C GLY D 146 54.63 14.03 -6.92
N THR D 147 53.88 12.95 -7.16
CA THR D 147 52.54 13.04 -7.71
C THR D 147 51.51 12.32 -6.84
N THR D 148 51.93 11.75 -5.71
CA THR D 148 51.03 11.02 -4.82
C THR D 148 50.52 11.97 -3.75
N PHE D 149 49.19 12.11 -3.70
CA PHE D 149 48.53 13.03 -2.78
C PHE D 149 48.02 12.26 -1.58
N THR D 150 48.21 12.82 -0.39
CA THR D 150 47.81 12.18 0.87
C THR D 150 46.76 13.06 1.53
N TYR D 151 45.52 12.57 1.59
CA TYR D 151 44.40 13.34 2.09
C TYR D 151 43.31 12.37 2.56
N ALA D 152 42.70 12.69 3.69
CA ALA D 152 41.63 11.87 4.28
C ALA D 152 42.10 10.44 4.51
N SER D 153 43.38 10.27 4.84
CA SER D 153 43.99 8.97 5.07
C SER D 153 43.85 8.07 3.86
N ALA D 154 44.09 8.64 2.68
CA ALA D 154 44.05 7.89 1.43
C ALA D 154 45.12 8.42 0.49
N LEU D 155 45.50 7.61 -0.48
CA LEU D 155 46.53 7.96 -1.45
C LEU D 155 45.86 8.40 -2.75
N TRP D 156 46.14 9.63 -3.17
CA TRP D 156 45.56 10.19 -4.38
C TRP D 156 46.69 10.54 -5.35
N GLU D 157 46.35 10.57 -6.64
CA GLU D 157 47.32 10.78 -7.71
C GLU D 157 46.92 12.02 -8.50
N ILE D 158 47.80 13.03 -8.49
CA ILE D 158 47.48 14.32 -9.11
C ILE D 158 47.36 14.17 -10.61
N GLN D 159 46.34 14.82 -11.19
CA GLN D 159 46.20 14.93 -12.63
C GLN D 159 46.63 16.29 -13.16
N GLN D 160 46.02 17.35 -12.66
CA GLN D 160 46.31 18.71 -13.11
C GLN D 160 46.24 19.66 -11.94
N VAL D 161 47.06 20.70 -11.99
CA VAL D 161 47.16 21.69 -10.93
C VAL D 161 46.94 23.05 -11.56
N VAL D 162 45.78 23.64 -11.35
CA VAL D 162 45.46 24.95 -11.90
C VAL D 162 45.80 26.01 -10.87
N ASP D 163 46.11 27.22 -11.35
CA ASP D 163 46.46 28.32 -10.49
C ASP D 163 45.21 29.15 -10.19
N ALA D 164 45.40 30.34 -9.62
CA ALA D 164 44.29 31.23 -9.33
C ALA D 164 43.71 31.89 -10.57
N ASP D 165 44.37 31.77 -11.71
CA ASP D 165 43.89 32.31 -12.98
C ASP D 165 43.53 31.22 -13.97
N SER D 166 43.25 30.01 -13.48
CA SER D 166 42.90 28.86 -14.31
C SER D 166 43.97 28.59 -15.37
N LYS D 167 45.21 28.51 -14.89
CA LYS D 167 46.35 28.20 -15.75
C LYS D 167 47.08 27.00 -15.17
N ILE D 168 47.27 25.98 -16.00
CA ILE D 168 47.89 24.74 -15.57
C ILE D 168 49.35 24.99 -15.23
N VAL D 169 49.71 24.82 -13.96
CA VAL D 169 51.10 24.90 -13.53
C VAL D 169 51.63 23.49 -13.30
N GLN D 170 52.81 23.22 -13.84
CA GLN D 170 53.35 21.87 -13.86
C GLN D 170 53.87 21.45 -12.50
N LEU D 171 53.84 20.14 -12.25
CA LEU D 171 54.29 19.59 -10.97
C LEU D 171 55.80 19.73 -10.77
N SER D 172 56.56 19.98 -11.83
CA SER D 172 57.99 20.18 -11.70
C SER D 172 58.35 21.63 -11.38
N GLU D 173 57.46 22.58 -11.70
CA GLU D 173 57.69 23.98 -11.41
C GLU D 173 57.41 24.34 -9.95
N ILE D 174 56.65 23.53 -9.23
CA ILE D 174 56.26 23.84 -7.86
C ILE D 174 57.41 23.37 -6.97
N SER D 175 58.37 24.27 -6.74
CA SER D 175 59.49 24.02 -5.85
C SER D 175 59.64 25.18 -4.88
N MET D 176 60.45 24.97 -3.84
CA MET D 176 60.56 25.95 -2.77
C MET D 176 61.10 27.28 -3.28
N ASP D 177 62.01 27.25 -4.25
CA ASP D 177 62.65 28.48 -4.71
C ASP D 177 61.71 29.30 -5.58
N ASN D 178 61.14 28.68 -6.62
CA ASN D 178 60.26 29.35 -7.56
C ASN D 178 58.80 29.29 -7.13
N SER D 179 58.53 29.22 -5.83
CA SER D 179 57.17 29.22 -5.30
C SER D 179 56.56 30.62 -5.18
N PRO D 180 57.24 31.62 -4.58
CA PRO D 180 56.53 32.85 -4.21
C PRO D 180 56.17 33.78 -5.37
N ASN D 181 56.37 33.35 -6.61
CA ASN D 181 55.98 34.14 -7.77
C ASN D 181 54.66 33.67 -8.37
N LEU D 182 53.82 33.00 -7.59
CA LEU D 182 52.48 32.61 -7.99
C LEU D 182 51.45 33.37 -7.14
N ALA D 183 50.18 33.03 -7.33
CA ALA D 183 49.13 33.58 -6.48
C ALA D 183 48.81 32.63 -5.33
N TRP D 184 49.04 31.34 -5.56
CA TRP D 184 48.93 30.23 -4.61
C TRP D 184 47.57 29.97 -3.97
N PRO D 185 46.44 30.09 -4.68
CA PRO D 185 45.34 29.16 -4.41
C PRO D 185 45.36 27.99 -5.38
N LEU D 186 46.39 27.14 -5.33
CA LEU D 186 46.58 26.10 -6.35
C LEU D 186 45.57 24.97 -6.12
N ILE D 187 44.46 25.04 -6.85
CA ILE D 187 43.50 23.94 -6.84
C ILE D 187 44.12 22.76 -7.56
N VAL D 188 44.32 21.66 -6.84
CA VAL D 188 44.87 20.44 -7.42
C VAL D 188 43.75 19.43 -7.58
N THR D 189 43.91 18.53 -8.54
CA THR D 189 42.94 17.49 -8.85
C THR D 189 43.62 16.14 -8.72
N ALA D 190 42.87 15.13 -8.30
CA ALA D 190 43.46 13.81 -8.09
C ALA D 190 42.37 12.75 -8.00
N LEU D 191 42.79 11.50 -8.14
CA LEU D 191 41.93 10.34 -7.92
C LEU D 191 42.62 9.40 -6.95
N ARG D 192 41.82 8.77 -6.09
CA ARG D 192 42.39 7.88 -5.09
C ARG D 192 42.91 6.60 -5.73
N ALA D 193 44.05 6.13 -5.23
CA ALA D 193 44.68 4.93 -5.77
C ALA D 193 44.30 3.71 -4.93
#